data_7UZB
#
_entry.id   7UZB
#
_cell.length_a   1.00
_cell.length_b   1.00
_cell.length_c   1.00
_cell.angle_alpha   90.00
_cell.angle_beta   90.00
_cell.angle_gamma   90.00
#
_symmetry.space_group_name_H-M   'P 1'
#
loop_
_entity.id
_entity.type
_entity.pdbx_description
1 polymer 'Spike glycoprotein'
2 polymer 'HSW-2 Fab heavy chain'
3 polymer 'HSW-2 Fab light chain'
4 non-polymer 2-acetamido-2-deoxy-beta-D-glucopyranose
#
loop_
_entity_poly.entity_id
_entity_poly.type
_entity_poly.pdbx_seq_one_letter_code
_entity_poly.pdbx_strand_id
1 'polypeptide(L)'
;MFVFLVLLPLVSSQCVNLTTRTQLPPAYTNSFTRGVYYPDKVFRSSVLHSTQDLFLPFFSNVTWFHAIHVSGTNGTKRFD
NPVLPFNDGVYFASTEKSNIIRGWIFGTTLDSKTQSLLIVNNATNVVIKVCEFQFCNDPFLGVYYHKNNKSWMESEFRVY
SSANNCTFEYVSQPFLMDLEGKQGNFKNLREFVFKNIDGYFKIYSKHTPINLVRDLPQGFSALEPLVDLPIGINITRFQT
LLALHRSYLTPGDSSSGWTAGAAAYYVGYLQPRTFLLKYNENGTITDAVDCALDPLSETKCTLKSFTVEKGIYQTSNFRV
QPTESIVRFPNITNLCPFGEVFNATRFASVYAWNRKRISNCVADYSVLYNSASFSTFKCYGVSPTKLNDLCFTNVYADSF
VIRGDEVRQIAPGQTGKIADYNYKLPDDFTGCVIAWNSNNLDSKVGGNYNYLYRLFRKSNLKPFERDISTEIYQAGSTPC
NGVEGFNCYFPLQSYGFQPTNGVGYQPYRVVVLSFELLHAPATVCGPKKSTNLVKNKCVNFNFNGLTGTGVLTESNKKFL
PFQQFGRDIADTTDAVRDPQTLEILDITPCSFGGVSVITPGTNTSNQVAVLYQDVNCTEVPVAIHADQLTPTWRVYSTGS
NVFQTRAGCLIGAEHVNNSYECDIPIGAGICASYQTQTNSPASVASQSIIAYTMSLGAENSVAYSNNSIAIPTNFTISVT
TEILPVSMTKTSVDCTMYICGDSTECSNLLLQYGSFCTQLNRALTGIAVEQDKNTQEVFAQVKQIYKTPPIKDFGGFNFS
QILPDPSKPSKRSPIEDLLFNKVTLADAGFIKQYGDCLGDIAARDLICAQKFNGLTVLPPLLTDEMIAQYTSALLAGTIT
SGWTFGAGPALQIPFPMQMAYRFNGIGVTQNVLYENQKLIANQFNSAIGKIQDSLSSTPSALGKLQDVVNQNAQALNTLV
KQLSSNFGAISSVLNDILSRLDPPEAEVQIDRLITGRLQSLQTYVTQQLIRAAEIRASANLAATKMSECVLGQSKRVDFC
GKGYHLMSFPQSAPHGVVFLHVTYVPAQEKNFTTAPAICHDGKAHFPREGVFVSNGTHWFVTQRNFYEPQIITTDNTFVS
GNCDVVIGIVNNTVYDPLQPELDSFKEELDKYFKNHTSPDVDLGDISGINASVVNIQKEIDRLNEVAKNLNESLIDLQEL
GKYEQYIKWPSGRLVPRGSPGSGYIPEAPRDGQAYVRKDGEWVLLSTFLGHHHHHH
;
A
2 'polypeptide(L)'
;QVQLQQSGPELVKPGASVKISCKASGYVFSTSWMSWVKQRPGEGPEWIGRIYPRDGHSSSTGKFKDKATLTADKSSNTAY
IHLSSLTSEDSAVYFCARDYGYYYFDYWGQGTTLTVSSASTKGPSVFPLAPSSKSTSGGTAALGCLVKDYFPEPVTVSWN
SGALTSGVHTFPAVLQSSGLYSLSSVVTVPSSSLGTQTYICNVNHKPSNTKVDKRVEPKSCDKTHHHHHH
;
H
3 'polypeptide(L)'
;DIQMTQSPASLSASVGEAVTITCRLSENVYSFLAWYQQKQGKSPQLLVYRAKTLAEGVPSRFSGSGSGTQFSLKINSLQP
EDFGTYYCQHHYGTPPTFGGGTKLEIKRTVAAPSVFIFPPSDEQLKSGTASVVCLLNNFYPREAKVQWKVDNALQSGNSQ
ESVTEQDSKDSTYSLSSTLTLSKADYEKHKVYACEVTHQGLSSPVTKSFNRGEC
;
L
#
# COMPACT_ATOMS: atom_id res chain seq x y z
N LEU A 24 -45.41 0.23 -2.77
CA LEU A 24 -45.09 1.48 -2.10
C LEU A 24 -44.05 2.28 -2.87
N PRO A 25 -44.35 3.55 -3.13
CA PRO A 25 -43.42 4.39 -3.90
C PRO A 25 -42.15 4.64 -3.10
N PRO A 26 -41.01 4.81 -3.78
CA PRO A 26 -39.77 5.13 -3.08
C PRO A 26 -39.82 6.52 -2.46
N ALA A 27 -39.02 6.71 -1.41
CA ALA A 27 -38.96 7.97 -0.70
C ALA A 27 -37.51 8.45 -0.64
N TYR A 28 -37.35 9.74 -0.36
CA TYR A 28 -36.04 10.36 -0.30
C TYR A 28 -35.86 11.05 1.04
N THR A 29 -34.62 11.04 1.54
CA THR A 29 -34.25 11.74 2.75
C THR A 29 -32.89 12.38 2.57
N ASN A 30 -32.64 13.45 3.32
CA ASN A 30 -31.38 14.18 3.23
C ASN A 30 -30.26 13.36 3.86
N SER A 31 -29.19 13.16 3.11
CA SER A 31 -28.02 12.49 3.66
C SER A 31 -27.33 13.38 4.68
N PHE A 32 -26.92 12.78 5.79
CA PHE A 32 -26.10 13.48 6.77
C PHE A 32 -24.66 13.53 6.26
N THR A 33 -23.79 14.22 6.99
CA THR A 33 -22.37 14.23 6.63
C THR A 33 -21.74 12.87 6.86
N ARG A 34 -22.42 11.96 7.54
CA ARG A 34 -21.87 10.64 7.81
C ARG A 34 -21.73 9.84 6.53
N GLY A 35 -20.79 8.90 6.54
CA GLY A 35 -20.49 8.10 5.37
C GLY A 35 -19.00 8.06 5.10
N VAL A 36 -18.27 8.94 5.77
CA VAL A 36 -16.82 9.01 5.58
C VAL A 36 -16.17 7.78 6.19
N TYR A 37 -15.33 7.11 5.41
CA TYR A 37 -14.60 5.93 5.87
C TYR A 37 -13.11 6.20 5.75
N TYR A 38 -12.33 5.47 6.54
CA TYR A 38 -10.90 5.63 6.50
C TYR A 38 -10.36 5.13 5.17
N PRO A 39 -9.71 5.99 4.37
CA PRO A 39 -9.22 5.52 3.06
C PRO A 39 -8.08 4.52 3.17
N ASP A 40 -7.31 4.58 4.25
CA ASP A 40 -6.12 3.76 4.37
C ASP A 40 -5.95 3.31 5.82
N LYS A 41 -5.22 2.21 6.00
CA LYS A 41 -4.89 1.75 7.35
C LYS A 41 -3.79 2.61 7.96
N VAL A 42 -3.15 3.47 7.16
CA VAL A 42 -2.08 4.32 7.67
C VAL A 42 -2.64 5.25 8.74
N PHE A 43 -1.84 5.50 9.76
CA PHE A 43 -2.22 6.36 10.89
C PHE A 43 -1.61 7.74 10.71
N ARG A 44 -2.43 8.77 10.92
CA ARG A 44 -2.00 10.15 10.88
C ARG A 44 -2.54 10.86 12.11
N SER A 45 -1.73 11.77 12.66
CA SER A 45 -2.10 12.51 13.87
C SER A 45 -1.96 14.00 13.62
N SER A 46 -3.03 14.75 13.91
CA SER A 46 -3.03 16.22 13.80
C SER A 46 -2.63 16.67 12.41
N VAL A 47 -3.11 15.97 11.38
CA VAL A 47 -2.74 16.24 10.00
C VAL A 47 -4.01 16.41 9.18
N LEU A 48 -4.07 17.50 8.41
CA LEU A 48 -5.12 17.69 7.42
C LEU A 48 -4.70 17.02 6.13
N HIS A 49 -5.14 15.78 5.94
CA HIS A 49 -4.71 14.97 4.81
C HIS A 49 -5.83 14.89 3.79
N SER A 50 -5.49 15.11 2.53
CA SER A 50 -6.45 15.11 1.44
C SER A 50 -6.31 13.82 0.63
N THR A 51 -7.43 13.15 0.40
CA THR A 51 -7.45 11.89 -0.35
C THR A 51 -8.62 11.89 -1.32
N GLN A 52 -8.50 11.05 -2.34
CA GLN A 52 -9.53 10.91 -3.37
C GLN A 52 -9.94 9.44 -3.46
N ASP A 53 -11.25 9.21 -3.45
CA ASP A 53 -11.79 7.86 -3.60
C ASP A 53 -13.29 7.95 -3.81
N LEU A 54 -13.94 6.79 -3.87
CA LEU A 54 -15.39 6.75 -3.96
C LEU A 54 -15.99 7.16 -2.62
N PHE A 55 -16.97 8.06 -2.67
CA PHE A 55 -17.57 8.61 -1.46
C PHE A 55 -19.01 8.97 -1.72
N LEU A 56 -19.81 8.98 -0.66
CA LEU A 56 -21.15 9.53 -0.75
C LEU A 56 -21.10 11.03 -0.55
N PRO A 57 -21.54 11.83 -1.52
CA PRO A 57 -21.45 13.28 -1.38
C PRO A 57 -22.32 13.79 -0.23
N PHE A 58 -21.87 14.88 0.37
CA PHE A 58 -22.59 15.45 1.51
C PHE A 58 -23.93 16.01 1.08
N PHE A 59 -24.91 15.92 1.99
CA PHE A 59 -26.26 16.43 1.77
C PHE A 59 -26.90 15.83 0.52
N SER A 60 -26.60 14.57 0.24
CA SER A 60 -27.18 13.90 -0.91
C SER A 60 -28.58 13.40 -0.59
N ASN A 61 -29.25 12.86 -1.61
CA ASN A 61 -30.55 12.25 -1.42
C ASN A 61 -30.36 10.76 -1.16
N VAL A 62 -30.88 10.30 -0.03
CA VAL A 62 -30.80 8.90 0.36
C VAL A 62 -32.17 8.27 0.20
N THR A 63 -32.24 7.20 -0.59
CA THR A 63 -33.50 6.53 -0.85
C THR A 63 -33.97 5.78 0.39
N TRP A 64 -34.89 6.38 1.13
CA TRP A 64 -35.39 5.81 2.38
C TRP A 64 -36.38 4.70 2.04
N PHE A 65 -35.87 3.48 1.87
CA PHE A 65 -36.71 2.33 1.61
C PHE A 65 -37.43 1.93 2.90
N HIS A 66 -38.72 2.26 2.98
CA HIS A 66 -39.59 1.71 4.01
C HIS A 66 -39.92 0.29 3.57
N ALA A 67 -39.05 -0.66 3.93
CA ALA A 67 -39.07 -1.97 3.30
C ALA A 67 -40.39 -2.69 3.52
N ILE A 68 -40.82 -2.80 4.78
CA ILE A 68 -42.04 -3.52 5.12
C ILE A 68 -42.88 -2.64 6.03
N HIS A 69 -44.15 -2.48 5.70
CA HIS A 69 -45.09 -1.72 6.50
C HIS A 69 -46.19 -2.65 7.02
N VAL A 70 -46.37 -2.67 8.34
CA VAL A 70 -47.42 -3.45 8.98
C VAL A 70 -48.17 -2.52 9.93
N SER A 71 -49.48 -2.46 9.79
CA SER A 71 -50.31 -1.62 10.64
C SER A 71 -50.86 -2.42 11.82
N ASN A 74 -52.90 -4.70 11.17
CA ASN A 74 -53.62 -5.55 10.23
C ASN A 74 -52.75 -6.71 9.75
N GLY A 75 -51.46 -6.63 10.06
CA GLY A 75 -50.54 -7.68 9.62
C GLY A 75 -50.41 -7.78 8.11
N THR A 76 -50.31 -6.64 7.44
CA THR A 76 -50.22 -6.59 5.98
C THR A 76 -48.75 -6.72 5.58
N LYS A 77 -48.39 -7.85 4.97
CA LYS A 77 -47.04 -8.04 4.49
C LYS A 77 -46.76 -7.12 3.31
N ARG A 78 -45.64 -6.39 3.38
CA ARG A 78 -45.14 -5.59 2.26
C ARG A 78 -43.74 -6.07 1.94
N PHE A 79 -43.65 -7.15 1.17
CA PHE A 79 -42.37 -7.77 0.88
C PHE A 79 -41.64 -6.99 -0.20
N ASP A 80 -40.58 -6.29 0.19
CA ASP A 80 -39.84 -5.43 -0.72
C ASP A 80 -38.36 -5.73 -0.59
N ASN A 81 -37.75 -6.15 -1.70
CA ASN A 81 -36.31 -6.40 -1.78
C ASN A 81 -35.77 -5.71 -3.02
N PRO A 82 -35.62 -4.38 -2.96
CA PRO A 82 -35.20 -3.65 -4.16
C PRO A 82 -33.80 -4.05 -4.60
N VAL A 83 -33.72 -4.62 -5.80
CA VAL A 83 -32.45 -5.07 -6.35
C VAL A 83 -31.76 -3.86 -6.99
N LEU A 84 -31.05 -3.09 -6.17
CA LEU A 84 -30.49 -1.85 -6.63
C LEU A 84 -29.20 -2.09 -7.40
N PRO A 85 -28.82 -1.20 -8.32
CA PRO A 85 -27.53 -1.35 -9.00
C PRO A 85 -26.39 -1.07 -8.03
N PHE A 86 -25.43 -2.00 -7.97
CA PHE A 86 -24.35 -1.88 -7.01
C PHE A 86 -23.49 -0.65 -7.28
N ASN A 87 -23.15 -0.43 -8.55
CA ASN A 87 -22.42 0.78 -8.98
C ASN A 87 -21.07 0.82 -8.25
N ASP A 88 -20.56 2.03 -7.99
CA ASP A 88 -19.25 2.15 -7.37
C ASP A 88 -19.28 1.73 -5.92
N GLY A 89 -20.09 2.39 -5.09
CA GLY A 89 -20.15 2.07 -3.68
C GLY A 89 -21.52 2.32 -3.12
N VAL A 90 -22.00 1.33 -2.36
CA VAL A 90 -23.35 1.36 -1.80
C VAL A 90 -23.23 1.71 -0.32
N TYR A 91 -23.66 2.92 0.04
CA TYR A 91 -23.69 3.34 1.43
C TYR A 91 -24.98 2.82 2.05
N PHE A 92 -24.85 2.13 3.17
CA PHE A 92 -25.98 1.49 3.82
C PHE A 92 -26.14 2.05 5.23
N ALA A 93 -27.39 2.20 5.67
CA ALA A 93 -27.70 2.66 7.01
C ALA A 93 -29.00 2.02 7.47
N SER A 94 -29.02 1.55 8.72
CA SER A 94 -30.18 0.86 9.28
C SER A 94 -30.46 1.37 10.67
N THR A 95 -31.74 1.53 10.99
CA THR A 95 -32.19 1.92 12.32
C THR A 95 -32.94 0.81 13.04
N GLU A 96 -32.81 -0.43 12.56
CA GLU A 96 -33.52 -1.55 13.15
C GLU A 96 -32.99 -1.82 14.56
N LYS A 97 -33.81 -1.54 15.57
CA LYS A 97 -33.41 -1.83 16.95
C LYS A 97 -33.24 -3.33 17.17
N SER A 98 -34.14 -4.14 16.61
CA SER A 98 -34.08 -5.58 16.77
C SER A 98 -33.09 -6.24 15.81
N ASN A 99 -32.48 -5.48 14.91
CA ASN A 99 -31.51 -6.01 13.94
C ASN A 99 -32.13 -7.10 13.09
N ILE A 100 -33.27 -6.78 12.47
CA ILE A 100 -33.97 -7.75 11.65
C ILE A 100 -33.20 -8.03 10.38
N ILE A 101 -32.60 -7.00 9.78
CA ILE A 101 -31.82 -7.20 8.57
C ILE A 101 -30.63 -8.09 8.86
N ARG A 102 -30.31 -8.98 7.91
CA ARG A 102 -29.25 -9.98 8.09
C ARG A 102 -28.40 -10.02 6.83
N GLY A 103 -27.28 -9.29 6.86
CA GLY A 103 -26.32 -9.36 5.78
C GLY A 103 -26.77 -8.64 4.52
N TRP A 104 -26.03 -8.90 3.45
CA TRP A 104 -26.29 -8.30 2.16
C TRP A 104 -25.95 -9.30 1.07
N ILE A 105 -26.51 -9.08 -0.12
CA ILE A 105 -26.27 -9.95 -1.27
C ILE A 105 -25.72 -9.10 -2.40
N PHE A 106 -24.63 -9.56 -3.01
CA PHE A 106 -24.01 -8.89 -4.15
C PHE A 106 -23.84 -9.91 -5.27
N GLY A 107 -24.27 -9.55 -6.46
CA GLY A 107 -24.17 -10.45 -7.60
C GLY A 107 -24.44 -9.74 -8.89
N THR A 108 -23.77 -10.21 -9.96
CA THR A 108 -24.01 -9.66 -11.28
C THR A 108 -25.39 -10.06 -11.80
N THR A 109 -25.74 -11.34 -11.69
CA THR A 109 -27.01 -11.84 -12.19
C THR A 109 -27.84 -12.56 -11.14
N LEU A 110 -27.32 -12.74 -9.92
CA LEU A 110 -28.08 -13.31 -8.81
C LEU A 110 -28.61 -14.70 -9.16
N ASP A 111 -27.78 -15.50 -9.82
CA ASP A 111 -28.15 -16.86 -10.18
C ASP A 111 -26.90 -17.72 -10.25
N SER A 112 -27.11 -19.01 -10.52
CA SER A 112 -25.96 -19.92 -10.65
C SER A 112 -25.13 -19.60 -11.89
N LYS A 113 -25.68 -18.81 -12.82
CA LYS A 113 -24.96 -18.51 -14.05
C LYS A 113 -23.67 -17.73 -13.78
N THR A 114 -23.70 -16.84 -12.78
CA THR A 114 -22.55 -16.00 -12.47
C THR A 114 -22.18 -16.13 -11.00
N GLN A 115 -20.94 -15.79 -10.69
CA GLN A 115 -20.49 -15.80 -9.30
C GLN A 115 -21.21 -14.72 -8.51
N SER A 116 -21.58 -15.07 -7.28
CA SER A 116 -22.30 -14.16 -6.39
C SER A 116 -21.66 -14.21 -5.01
N LEU A 117 -21.81 -13.12 -4.26
CA LEU A 117 -21.30 -13.03 -2.90
C LEU A 117 -22.47 -13.11 -1.93
N LEU A 118 -22.38 -14.00 -0.97
CA LEU A 118 -23.41 -14.18 0.05
C LEU A 118 -22.84 -13.80 1.40
N ILE A 119 -23.53 -12.92 2.11
CA ILE A 119 -23.14 -12.51 3.46
C ILE A 119 -24.33 -12.75 4.37
N VAL A 120 -24.13 -13.61 5.38
CA VAL A 120 -25.18 -13.98 6.32
C VAL A 120 -24.67 -13.69 7.73
N ASN A 121 -25.52 -13.07 8.53
CA ASN A 121 -25.13 -12.60 9.86
C ASN A 121 -25.84 -13.39 10.95
N ASN A 122 -25.84 -14.71 10.85
CA ASN A 122 -26.38 -15.53 11.93
C ASN A 122 -25.56 -15.32 13.20
N ALA A 123 -26.21 -15.55 14.34
CA ALA A 123 -25.62 -15.18 15.63
C ALA A 123 -24.33 -15.95 15.89
N THR A 124 -24.25 -17.21 15.44
CA THR A 124 -23.08 -18.02 15.73
C THR A 124 -21.82 -17.41 15.12
N ASN A 125 -21.92 -16.98 13.86
CA ASN A 125 -20.79 -16.37 13.16
C ASN A 125 -21.30 -15.76 11.87
N VAL A 126 -20.53 -14.81 11.33
CA VAL A 126 -20.85 -14.20 10.05
C VAL A 126 -20.25 -15.07 8.95
N VAL A 127 -21.04 -15.35 7.93
CA VAL A 127 -20.64 -16.24 6.84
C VAL A 127 -20.41 -15.41 5.60
N ILE A 128 -19.20 -15.46 5.06
CA ILE A 128 -18.86 -14.81 3.80
C ILE A 128 -18.35 -15.91 2.88
N LYS A 129 -19.25 -16.42 2.04
CA LYS A 129 -18.93 -17.52 1.13
C LYS A 129 -19.22 -17.09 -0.30
N VAL A 130 -18.22 -17.23 -1.17
CA VAL A 130 -18.32 -16.82 -2.56
C VAL A 130 -18.64 -18.05 -3.39
N CYS A 131 -19.87 -18.13 -3.90
CA CYS A 131 -20.30 -19.25 -4.71
C CYS A 131 -21.27 -18.73 -5.76
N GLU A 132 -21.47 -19.52 -6.81
CA GLU A 132 -22.48 -19.19 -7.82
C GLU A 132 -23.84 -19.68 -7.33
N PHE A 133 -24.33 -19.02 -6.30
CA PHE A 133 -25.61 -19.37 -5.70
C PHE A 133 -26.75 -19.14 -6.69
N GLN A 134 -27.61 -20.14 -6.84
CA GLN A 134 -28.84 -19.99 -7.63
C GLN A 134 -29.91 -19.50 -6.67
N PHE A 135 -30.05 -18.18 -6.57
CA PHE A 135 -30.92 -17.59 -5.58
C PHE A 135 -32.39 -17.82 -5.93
N CYS A 136 -33.21 -17.97 -4.89
CA CYS A 136 -34.64 -18.18 -5.06
C CYS A 136 -35.37 -16.85 -5.25
N ASN A 137 -36.66 -16.95 -5.55
CA ASN A 137 -37.46 -15.75 -5.74
C ASN A 137 -37.56 -14.95 -4.46
N ASP A 138 -37.65 -15.63 -3.31
CA ASP A 138 -37.74 -14.96 -2.03
C ASP A 138 -36.40 -15.09 -1.32
N PRO A 139 -35.50 -14.12 -1.45
CA PRO A 139 -34.17 -14.24 -0.82
C PRO A 139 -34.16 -13.72 0.62
N PHE A 140 -34.64 -14.53 1.56
CA PHE A 140 -34.69 -14.15 2.96
C PHE A 140 -33.86 -15.12 3.78
N LEU A 141 -33.70 -14.81 5.07
CA LEU A 141 -33.02 -15.68 6.01
C LEU A 141 -34.07 -16.45 6.80
N GLY A 142 -33.99 -17.78 6.74
CA GLY A 142 -34.95 -18.62 7.42
C GLY A 142 -34.60 -18.90 8.86
N VAL A 143 -35.49 -18.50 9.77
CA VAL A 143 -35.32 -18.73 11.20
C VAL A 143 -36.65 -19.17 11.78
N TYR A 144 -36.63 -20.25 12.56
CA TYR A 144 -37.82 -20.76 13.22
C TYR A 144 -37.63 -20.66 14.74
N TYR A 145 -38.67 -20.23 15.43
CA TYR A 145 -38.61 -20.19 16.89
C TYR A 145 -38.69 -21.60 17.44
N HIS A 146 -37.79 -21.92 18.37
CA HIS A 146 -37.76 -23.24 19.00
C HIS A 146 -38.36 -23.14 20.39
N LYS A 147 -39.47 -23.85 20.61
CA LYS A 147 -40.19 -23.75 21.88
C LYS A 147 -39.32 -24.20 23.05
N ASN A 148 -38.60 -25.31 22.90
CA ASN A 148 -37.84 -25.85 24.01
C ASN A 148 -36.72 -24.92 24.44
N ASN A 149 -36.00 -24.33 23.48
CA ASN A 149 -34.88 -23.47 23.78
C ASN A 149 -35.24 -21.99 23.86
N LYS A 150 -36.45 -21.62 23.44
CA LYS A 150 -36.88 -20.22 23.39
C LYS A 150 -35.87 -19.37 22.62
N SER A 151 -35.41 -19.91 21.48
CA SER A 151 -34.32 -19.32 20.72
C SER A 151 -34.76 -19.06 19.29
N TRP A 152 -34.29 -17.94 18.73
CA TRP A 152 -34.50 -17.62 17.32
C TRP A 152 -33.30 -18.11 16.52
N MET A 153 -33.17 -19.43 16.46
CA MET A 153 -32.07 -20.04 15.72
C MET A 153 -32.52 -20.44 14.32
N GLU A 154 -31.56 -20.41 13.39
CA GLU A 154 -31.85 -20.46 11.96
C GLU A 154 -32.52 -21.77 11.59
N SER A 155 -33.50 -21.70 10.68
CA SER A 155 -34.14 -22.92 10.19
C SER A 155 -33.43 -23.46 8.95
N GLU A 156 -33.39 -22.67 7.89
CA GLU A 156 -32.76 -23.08 6.64
C GLU A 156 -32.49 -21.83 5.81
N PHE A 157 -31.66 -21.97 4.80
CA PHE A 157 -31.30 -20.87 3.91
C PHE A 157 -32.13 -20.97 2.64
N ARG A 158 -33.25 -20.25 2.59
CA ARG A 158 -34.08 -20.17 1.40
C ARG A 158 -33.58 -19.11 0.43
N VAL A 159 -32.52 -18.39 0.79
CA VAL A 159 -32.04 -17.30 -0.05
C VAL A 159 -31.51 -17.81 -1.38
N TYR A 160 -30.82 -18.96 -1.36
CA TYR A 160 -30.28 -19.54 -2.58
C TYR A 160 -30.72 -21.00 -2.68
N SER A 161 -30.25 -21.65 -3.74
CA SER A 161 -30.51 -23.07 -3.96
C SER A 161 -29.30 -23.86 -4.40
N SER A 162 -28.20 -23.20 -4.76
CA SER A 162 -27.04 -23.89 -5.32
C SER A 162 -25.76 -23.36 -4.71
N ALA A 163 -24.70 -24.17 -4.80
CA ALA A 163 -23.35 -23.80 -4.39
C ALA A 163 -22.39 -24.41 -5.39
N ASN A 164 -22.01 -23.63 -6.41
CA ASN A 164 -21.18 -24.12 -7.51
C ASN A 164 -19.92 -23.28 -7.63
N ASN A 165 -18.78 -23.97 -7.78
CA ASN A 165 -17.48 -23.33 -7.98
C ASN A 165 -17.18 -22.32 -6.87
N CYS A 166 -17.35 -22.77 -5.64
CA CYS A 166 -17.04 -21.93 -4.48
C CYS A 166 -15.55 -21.64 -4.42
N THR A 167 -15.20 -20.37 -4.22
CA THR A 167 -13.81 -19.93 -4.30
C THR A 167 -13.26 -19.42 -2.97
N PHE A 168 -13.92 -18.44 -2.36
CA PHE A 168 -13.38 -17.74 -1.20
C PHE A 168 -14.38 -17.79 -0.06
N GLU A 169 -13.90 -18.16 1.13
CA GLU A 169 -14.74 -18.19 2.32
C GLU A 169 -14.00 -17.55 3.48
N TYR A 170 -14.68 -16.66 4.19
CA TYR A 170 -14.15 -16.03 5.40
C TYR A 170 -15.22 -16.09 6.49
N VAL A 171 -14.79 -16.45 7.70
CA VAL A 171 -15.70 -16.64 8.83
C VAL A 171 -15.21 -15.78 9.98
N SER A 172 -16.13 -15.06 10.61
CA SER A 172 -15.80 -14.23 11.76
C SER A 172 -17.01 -14.11 12.68
N GLN A 173 -16.83 -13.36 13.75
CA GLN A 173 -17.92 -13.12 14.69
C GLN A 173 -18.92 -12.13 14.10
N PRO A 174 -20.19 -12.19 14.50
CA PRO A 174 -21.18 -11.23 13.98
C PRO A 174 -20.83 -9.80 14.37
N PHE A 175 -20.95 -8.90 13.39
CA PHE A 175 -20.59 -7.50 13.61
C PHE A 175 -21.80 -6.57 13.68
N LEU A 176 -22.90 -6.88 12.99
CA LEU A 176 -24.13 -6.11 13.09
C LEU A 176 -24.98 -6.56 14.27
N MET A 177 -24.72 -7.74 14.81
CA MET A 177 -25.46 -8.28 15.94
C MET A 177 -25.16 -7.43 17.17
N ASP A 178 -26.14 -6.64 17.60
CA ASP A 178 -26.00 -5.77 18.77
C ASP A 178 -24.82 -4.82 18.61
N LYS A 187 -32.18 1.36 18.54
CA LYS A 187 -31.84 2.67 19.07
C LYS A 187 -30.40 3.06 18.74
N ASN A 188 -29.69 2.14 18.10
CA ASN A 188 -28.31 2.35 17.69
C ASN A 188 -28.23 2.32 16.16
N LEU A 189 -27.72 3.39 15.58
CA LEU A 189 -27.58 3.46 14.13
C LEU A 189 -26.49 2.52 13.64
N ARG A 190 -26.75 1.84 12.53
CA ARG A 190 -25.80 0.92 11.93
C ARG A 190 -25.51 1.39 10.51
N GLU A 191 -24.23 1.60 10.20
CA GLU A 191 -23.81 2.10 8.90
C GLU A 191 -22.75 1.18 8.31
N PHE A 192 -22.78 1.02 6.99
CA PHE A 192 -21.79 0.21 6.27
C PHE A 192 -21.53 0.83 4.91
N VAL A 193 -20.32 0.58 4.39
CA VAL A 193 -19.93 1.00 3.05
C VAL A 193 -19.28 -0.19 2.35
N PHE A 194 -19.76 -0.51 1.15
CA PHE A 194 -19.21 -1.59 0.35
C PHE A 194 -18.55 -1.00 -0.88
N LYS A 195 -17.36 -1.47 -1.21
CA LYS A 195 -16.67 -1.04 -2.41
C LYS A 195 -16.04 -2.25 -3.10
N ASN A 196 -16.11 -2.26 -4.42
CA ASN A 196 -15.51 -3.30 -5.24
C ASN A 196 -14.50 -2.65 -6.18
N ILE A 197 -13.23 -2.84 -5.89
CA ILE A 197 -12.13 -2.27 -6.67
C ILE A 197 -11.18 -3.40 -7.04
N ASP A 198 -10.71 -3.40 -8.30
CA ASP A 198 -9.69 -4.30 -8.84
C ASP A 198 -9.76 -5.69 -8.22
N GLY A 199 -10.96 -6.25 -8.19
CA GLY A 199 -11.16 -7.59 -7.66
C GLY A 199 -10.93 -7.71 -6.18
N TYR A 200 -11.04 -6.61 -5.44
CA TYR A 200 -10.79 -6.60 -4.01
C TYR A 200 -11.98 -5.94 -3.33
N PHE A 201 -12.55 -6.64 -2.33
CA PHE A 201 -13.80 -6.22 -1.70
C PHE A 201 -13.48 -5.68 -0.31
N LYS A 202 -14.01 -4.50 0.00
CA LYS A 202 -13.73 -3.81 1.25
C LYS A 202 -15.03 -3.48 1.95
N ILE A 203 -15.04 -3.59 3.28
CA ILE A 203 -16.21 -3.29 4.10
C ILE A 203 -15.78 -2.37 5.24
N TYR A 204 -16.57 -1.33 5.49
CA TYR A 204 -16.35 -0.40 6.60
C TYR A 204 -17.61 -0.37 7.45
N SER A 205 -17.44 -0.29 8.77
CA SER A 205 -18.57 -0.39 9.68
C SER A 205 -18.40 0.55 10.86
N LYS A 206 -19.53 0.84 11.51
CA LYS A 206 -19.59 1.74 12.66
C LYS A 206 -20.99 1.68 13.24
N HIS A 207 -21.08 1.80 14.56
CA HIS A 207 -22.37 1.80 15.26
C HIS A 207 -22.42 2.99 16.21
N THR A 208 -23.58 3.64 16.27
CA THR A 208 -23.76 4.82 17.11
C THR A 208 -25.20 4.85 17.63
N PRO A 209 -25.41 5.06 18.92
CA PRO A 209 -26.77 5.18 19.43
C PRO A 209 -27.47 6.42 18.86
N ILE A 210 -28.79 6.32 18.72
CA ILE A 210 -29.59 7.38 18.13
C ILE A 210 -30.94 7.44 18.80
N ASN A 211 -31.42 8.67 19.03
CA ASN A 211 -32.74 8.90 19.58
C ASN A 211 -33.71 9.52 18.57
N LEU A 212 -33.30 9.64 17.31
CA LEU A 212 -34.13 10.23 16.26
C LEU A 212 -34.92 9.11 15.58
N VAL A 213 -36.22 9.32 15.43
CA VAL A 213 -37.09 8.26 14.91
C VAL A 213 -36.77 7.97 13.45
N ARG A 214 -36.68 9.00 12.62
CA ARG A 214 -36.50 8.83 11.19
C ARG A 214 -35.44 9.74 10.59
N ASP A 215 -35.04 10.80 11.29
CA ASP A 215 -34.08 11.76 10.77
C ASP A 215 -32.66 11.24 11.03
N LEU A 216 -31.84 11.27 9.98
CA LEU A 216 -30.45 10.87 10.14
C LEU A 216 -29.71 11.91 10.97
N PRO A 217 -29.03 11.51 12.04
CA PRO A 217 -28.36 12.50 12.90
C PRO A 217 -27.28 13.24 12.14
N GLN A 218 -27.21 14.56 12.37
CA GLN A 218 -26.23 15.41 11.68
C GLN A 218 -24.92 15.40 12.48
N GLY A 219 -24.36 14.20 12.62
CA GLY A 219 -23.11 14.03 13.32
C GLY A 219 -22.11 13.30 12.46
N PHE A 220 -20.85 13.67 12.63
CA PHE A 220 -19.75 13.12 11.84
C PHE A 220 -19.31 11.81 12.47
N SER A 221 -19.60 10.70 11.81
CA SER A 221 -19.29 9.37 12.32
C SER A 221 -18.36 8.68 11.34
N ALA A 222 -17.09 8.57 11.69
CA ALA A 222 -16.13 7.87 10.85
C ALA A 222 -16.46 6.38 10.80
N LEU A 223 -16.21 5.78 9.65
CA LEU A 223 -16.46 4.36 9.43
C LEU A 223 -15.14 3.64 9.33
N GLU A 224 -14.72 2.99 10.42
CA GLU A 224 -13.45 2.31 10.45
C GLU A 224 -13.48 1.09 9.53
N PRO A 225 -12.32 0.71 8.98
CA PRO A 225 -12.27 -0.54 8.20
C PRO A 225 -12.68 -1.73 9.03
N LEU A 226 -13.45 -2.62 8.42
CA LEU A 226 -13.96 -3.80 9.13
C LEU A 226 -13.36 -5.09 8.60
N VAL A 227 -13.45 -5.33 7.29
CA VAL A 227 -12.92 -6.54 6.70
C VAL A 227 -12.66 -6.28 5.22
N ASP A 228 -11.57 -6.84 4.70
CA ASP A 228 -11.19 -6.72 3.31
C ASP A 228 -11.15 -8.10 2.68
N LEU A 229 -11.72 -8.22 1.48
CA LEU A 229 -11.90 -9.52 0.86
C LEU A 229 -11.38 -9.51 -0.57
N PRO A 230 -10.54 -10.46 -0.95
CA PRO A 230 -10.10 -10.59 -2.36
C PRO A 230 -11.05 -11.49 -3.15
N ILE A 231 -12.29 -11.04 -3.30
CA ILE A 231 -13.31 -11.86 -3.95
C ILE A 231 -13.02 -12.00 -5.45
N GLY A 232 -12.64 -10.90 -6.10
CA GLY A 232 -12.25 -10.95 -7.50
C GLY A 232 -13.34 -11.38 -8.46
N ILE A 233 -14.57 -10.88 -8.28
CA ILE A 233 -15.65 -11.16 -9.22
C ILE A 233 -16.31 -9.84 -9.60
N ASN A 234 -17.03 -9.89 -10.73
CA ASN A 234 -17.77 -8.73 -11.21
C ASN A 234 -19.10 -8.62 -10.47
N ILE A 235 -19.36 -7.47 -9.87
CA ILE A 235 -20.58 -7.21 -9.13
C ILE A 235 -21.26 -6.01 -9.76
N THR A 236 -22.52 -6.18 -10.16
CA THR A 236 -23.25 -5.12 -10.84
C THR A 236 -24.43 -4.58 -10.04
N ARG A 237 -25.23 -5.45 -9.43
CA ARG A 237 -26.42 -4.98 -8.72
C ARG A 237 -26.41 -5.52 -7.30
N PHE A 238 -26.97 -4.71 -6.39
CA PHE A 238 -27.00 -4.99 -4.96
C PHE A 238 -28.42 -5.41 -4.59
N GLN A 239 -28.54 -6.32 -3.63
CA GLN A 239 -29.81 -6.66 -3.03
C GLN A 239 -29.60 -6.88 -1.54
N THR A 240 -30.48 -6.32 -0.73
CA THR A 240 -30.38 -6.50 0.72
C THR A 240 -31.14 -7.76 1.14
N LEU A 241 -30.80 -8.27 2.32
CA LEU A 241 -31.39 -9.50 2.83
C LEU A 241 -32.10 -9.19 4.14
N LEU A 242 -33.32 -9.69 4.29
CA LEU A 242 -34.11 -9.52 5.50
C LEU A 242 -34.57 -10.89 5.97
N ALA A 243 -34.40 -11.16 7.27
CA ALA A 243 -34.75 -12.47 7.81
C ALA A 243 -36.25 -12.57 8.03
N LEU A 244 -36.83 -13.67 7.57
CA LEU A 244 -38.23 -13.99 7.81
C LEU A 244 -38.31 -15.03 8.92
N HIS A 245 -39.03 -14.70 9.98
CA HIS A 245 -39.16 -15.60 11.12
C HIS A 245 -40.17 -16.70 10.82
N ARG A 246 -40.35 -17.60 11.79
CA ARG A 246 -41.24 -18.74 11.61
C ARG A 246 -42.66 -18.29 11.27
N SER A 247 -43.03 -17.10 11.72
CA SER A 247 -44.31 -16.52 11.32
C SER A 247 -44.38 -16.38 9.81
N TYR A 248 -43.32 -15.82 9.22
CA TYR A 248 -43.33 -15.58 7.77
C TYR A 248 -42.85 -16.81 7.01
N LEU A 249 -42.30 -17.81 7.72
CA LEU A 249 -41.92 -19.05 7.06
C LEU A 249 -43.14 -19.81 6.57
N THR A 250 -44.28 -19.63 7.24
CA THR A 250 -45.49 -20.31 6.83
C THR A 250 -45.93 -19.80 5.46
N PRO A 251 -46.46 -20.68 4.60
CA PRO A 251 -46.89 -20.22 3.27
C PRO A 251 -47.99 -19.17 3.31
N GLY A 252 -48.87 -19.24 4.30
CA GLY A 252 -49.97 -18.30 4.35
C GLY A 252 -49.49 -16.89 4.69
N ASP A 253 -50.26 -15.90 4.24
CA ASP A 253 -49.92 -14.50 4.53
C ASP A 253 -50.07 -14.20 6.01
N SER A 254 -50.89 -14.97 6.73
CA SER A 254 -51.02 -14.79 8.16
C SER A 254 -49.71 -15.12 8.86
N SER A 255 -49.39 -14.33 9.88
CA SER A 255 -48.14 -14.48 10.63
C SER A 255 -48.42 -15.21 11.93
N SER A 256 -47.53 -16.14 12.28
CA SER A 256 -47.69 -16.88 13.53
C SER A 256 -47.49 -15.97 14.74
N GLY A 257 -46.30 -15.40 14.88
CA GLY A 257 -46.01 -14.58 16.05
C GLY A 257 -45.10 -13.39 15.82
N TRP A 258 -44.79 -13.07 14.57
CA TRP A 258 -43.85 -12.00 14.25
C TRP A 258 -44.37 -11.10 13.15
N THR A 259 -44.08 -9.81 13.27
CA THR A 259 -44.42 -8.81 12.27
C THR A 259 -43.18 -8.02 11.91
N ALA A 260 -43.01 -7.73 10.63
CA ALA A 260 -41.82 -7.05 10.13
C ALA A 260 -42.05 -5.56 9.84
N GLY A 261 -43.03 -4.94 10.49
CA GLY A 261 -43.32 -3.55 10.22
C GLY A 261 -42.17 -2.62 10.60
N ALA A 262 -41.31 -3.06 11.51
CA ALA A 262 -40.21 -2.22 11.96
C ALA A 262 -39.12 -2.11 10.90
N ALA A 263 -39.21 -2.92 9.85
CA ALA A 263 -38.15 -2.95 8.83
C ALA A 263 -38.05 -1.62 8.11
N ALA A 264 -36.83 -1.07 8.09
CA ALA A 264 -36.55 0.19 7.41
C ALA A 264 -35.04 0.38 7.36
N TYR A 265 -34.57 1.01 6.29
CA TYR A 265 -33.14 1.24 6.12
C TYR A 265 -32.92 2.38 5.14
N TYR A 266 -31.64 2.66 4.88
CA TYR A 266 -31.22 3.75 4.03
C TYR A 266 -30.21 3.23 3.02
N VAL A 267 -30.22 3.82 1.81
CA VAL A 267 -29.28 3.45 0.75
C VAL A 267 -28.79 4.71 0.06
N GLY A 268 -27.48 4.78 -0.19
CA GLY A 268 -26.91 5.84 -0.97
C GLY A 268 -25.78 5.32 -1.82
N TYR A 269 -25.54 6.00 -2.94
CA TYR A 269 -24.57 5.54 -3.93
C TYR A 269 -23.29 6.38 -3.83
N LEU A 270 -22.16 5.71 -3.69
CA LEU A 270 -20.88 6.40 -3.63
C LEU A 270 -20.41 6.78 -5.02
N GLN A 271 -19.80 7.95 -5.13
CA GLN A 271 -19.24 8.45 -6.37
C GLN A 271 -17.79 8.86 -6.12
N PRO A 272 -16.95 8.86 -7.16
CA PRO A 272 -15.57 9.31 -6.98
C PRO A 272 -15.54 10.75 -6.48
N ARG A 273 -14.87 10.96 -5.36
CA ARG A 273 -14.83 12.27 -4.73
C ARG A 273 -13.45 12.54 -4.16
N THR A 274 -13.12 13.83 -4.10
CA THR A 274 -11.90 14.31 -3.45
C THR A 274 -12.28 14.87 -2.10
N PHE A 275 -11.61 14.39 -1.06
CA PHE A 275 -11.95 14.75 0.32
C PHE A 275 -10.76 15.41 1.00
N LEU A 276 -11.07 16.27 1.98
CA LEU A 276 -10.06 16.91 2.82
C LEU A 276 -10.34 16.45 4.24
N LEU A 277 -9.77 15.30 4.61
CA LEU A 277 -9.97 14.75 5.94
C LEU A 277 -9.19 15.55 6.97
N LYS A 278 -9.66 15.50 8.22
CA LYS A 278 -8.98 16.12 9.33
C LYS A 278 -8.71 15.06 10.39
N TYR A 279 -7.44 14.89 10.74
CA TYR A 279 -7.02 13.95 11.77
C TYR A 279 -6.69 14.72 13.03
N ASN A 280 -7.13 14.21 14.18
CA ASN A 280 -6.81 14.83 15.45
C ASN A 280 -5.55 14.21 16.01
N GLU A 281 -5.23 14.55 17.27
CA GLU A 281 -4.06 13.97 17.92
C GLU A 281 -4.22 12.47 18.10
N ASN A 282 -5.44 12.00 18.36
CA ASN A 282 -5.68 10.57 18.49
C ASN A 282 -5.81 9.88 17.14
N GLY A 283 -5.85 10.64 16.05
CA GLY A 283 -5.97 10.07 14.73
C GLY A 283 -7.38 9.87 14.23
N THR A 284 -8.39 10.19 15.03
CA THR A 284 -9.77 10.05 14.60
C THR A 284 -10.12 11.12 13.58
N ILE A 285 -10.92 10.75 12.58
CA ILE A 285 -11.34 11.67 11.53
C ILE A 285 -12.45 12.53 12.11
N THR A 286 -12.10 13.75 12.54
CA THR A 286 -13.09 14.62 13.17
C THR A 286 -14.09 15.15 12.16
N ASP A 287 -13.62 15.65 11.02
CA ASP A 287 -14.51 16.28 10.05
C ASP A 287 -13.84 16.27 8.69
N ALA A 288 -14.65 16.45 7.64
CA ALA A 288 -14.17 16.47 6.27
C ALA A 288 -15.10 17.33 5.42
N VAL A 289 -14.58 17.76 4.28
CA VAL A 289 -15.32 18.60 3.34
C VAL A 289 -15.18 18.02 1.94
N ASP A 290 -16.30 17.91 1.23
CA ASP A 290 -16.28 17.45 -0.15
C ASP A 290 -15.88 18.62 -1.05
N CYS A 291 -14.87 18.40 -1.89
CA CYS A 291 -14.45 19.44 -2.81
C CYS A 291 -15.53 19.76 -3.82
N ALA A 292 -16.48 18.84 -4.02
CA ALA A 292 -17.57 19.06 -4.96
C ALA A 292 -18.87 19.46 -4.27
N LEU A 293 -18.87 19.62 -2.95
CA LEU A 293 -20.12 19.92 -2.26
C LEU A 293 -20.68 21.29 -2.65
N ASP A 294 -19.82 22.32 -2.67
CA ASP A 294 -20.26 23.67 -2.95
C ASP A 294 -19.03 24.55 -3.04
N PRO A 295 -19.16 25.78 -3.58
CA PRO A 295 -17.96 26.61 -3.80
C PRO A 295 -17.14 26.88 -2.56
N LEU A 296 -17.78 27.02 -1.39
CA LEU A 296 -17.01 27.25 -0.17
C LEU A 296 -16.16 26.03 0.18
N SER A 297 -16.70 24.83 -0.03
CA SER A 297 -15.91 23.63 0.21
C SER A 297 -14.81 23.46 -0.81
N GLU A 298 -15.05 23.93 -2.05
CA GLU A 298 -13.98 23.95 -3.03
C GLU A 298 -12.86 24.89 -2.59
N THR A 299 -13.21 26.05 -2.04
CA THR A 299 -12.21 26.95 -1.50
C THR A 299 -11.47 26.31 -0.33
N LYS A 300 -12.19 25.57 0.51
CA LYS A 300 -11.55 24.83 1.59
C LYS A 300 -10.55 23.83 1.05
N CYS A 301 -10.91 23.10 0.00
CA CYS A 301 -10.03 22.09 -0.57
C CYS A 301 -8.79 22.74 -1.18
N THR A 302 -8.95 23.83 -1.92
CA THR A 302 -7.79 24.44 -2.56
C THR A 302 -6.92 25.18 -1.56
N LEU A 303 -7.47 25.59 -0.43
CA LEU A 303 -6.68 26.21 0.63
C LEU A 303 -6.11 25.21 1.62
N LYS A 304 -6.52 23.94 1.52
CA LYS A 304 -6.01 22.86 2.38
C LYS A 304 -6.27 23.13 3.85
N SER A 305 -7.30 23.91 4.17
CA SER A 305 -7.67 24.18 5.56
C SER A 305 -9.18 24.29 5.68
N PHE A 306 -9.70 23.89 6.83
CA PHE A 306 -11.14 24.01 7.07
C PHE A 306 -11.59 25.46 7.19
N THR A 307 -10.75 26.30 7.79
CA THR A 307 -11.09 27.70 8.01
C THR A 307 -10.32 28.58 7.05
N VAL A 308 -11.05 29.40 6.28
CA VAL A 308 -10.46 30.35 5.35
C VAL A 308 -10.88 31.75 5.75
N GLU A 309 -10.03 32.72 5.46
CA GLU A 309 -10.32 34.10 5.85
C GLU A 309 -11.10 34.81 4.75
N LYS A 310 -11.52 36.04 5.08
CA LYS A 310 -12.24 36.85 4.11
C LYS A 310 -11.33 37.25 2.96
N GLY A 311 -11.83 37.09 1.74
CA GLY A 311 -11.05 37.47 0.57
C GLY A 311 -11.56 36.73 -0.66
N ILE A 312 -10.73 36.78 -1.70
CA ILE A 312 -11.01 36.14 -2.98
C ILE A 312 -9.97 35.04 -3.21
N TYR A 313 -10.43 33.86 -3.58
CA TYR A 313 -9.56 32.70 -3.72
C TYR A 313 -9.97 31.88 -4.94
N GLN A 314 -8.97 31.35 -5.64
CA GLN A 314 -9.21 30.50 -6.79
C GLN A 314 -9.29 29.04 -6.36
N THR A 315 -10.15 28.28 -7.04
CA THR A 315 -10.34 26.87 -6.78
C THR A 315 -10.14 26.08 -8.07
N SER A 316 -9.77 24.82 -7.92
CA SER A 316 -9.54 23.93 -9.06
C SER A 316 -10.46 22.72 -9.03
N ASN A 317 -10.65 22.09 -7.88
CA ASN A 317 -11.49 20.89 -7.78
C ASN A 317 -12.97 21.26 -7.64
N PHE A 318 -13.44 22.06 -8.60
CA PHE A 318 -14.82 22.50 -8.57
C PHE A 318 -15.78 21.34 -8.80
N ARG A 319 -15.30 20.24 -9.37
CA ARG A 319 -15.99 18.96 -9.33
C ARG A 319 -14.95 17.87 -9.52
N VAL A 320 -15.40 16.61 -9.49
CA VAL A 320 -14.47 15.49 -9.53
C VAL A 320 -14.22 15.04 -10.96
N GLN A 321 -13.15 14.25 -11.13
CA GLN A 321 -12.81 13.65 -12.41
C GLN A 321 -13.44 12.27 -12.49
N PRO A 322 -14.31 12.00 -13.44
CA PRO A 322 -14.89 10.65 -13.57
C PRO A 322 -13.93 9.69 -14.25
N THR A 323 -14.36 8.43 -14.31
CA THR A 323 -13.63 7.36 -14.99
C THR A 323 -12.20 7.25 -14.48
N GLU A 324 -11.25 7.07 -15.40
CA GLU A 324 -9.85 6.86 -15.05
C GLU A 324 -8.99 7.90 -15.74
N SER A 325 -7.89 8.26 -15.06
CA SER A 325 -6.92 9.14 -15.68
C SER A 325 -6.25 8.46 -16.86
N ILE A 326 -5.94 9.22 -17.89
CA ILE A 326 -5.47 8.69 -19.16
C ILE A 326 -3.94 8.68 -19.14
N VAL A 327 -3.35 7.49 -19.22
CA VAL A 327 -1.91 7.32 -19.38
C VAL A 327 -1.71 6.40 -20.57
N ARG A 328 -0.73 6.71 -21.42
CA ARG A 328 -0.54 5.98 -22.66
C ARG A 328 0.76 5.19 -22.68
N PHE A 329 0.72 4.02 -23.28
CA PHE A 329 1.85 3.25 -23.77
C PHE A 329 1.52 2.74 -25.16
N PRO A 330 2.50 2.73 -26.07
CA PRO A 330 2.23 2.26 -27.43
C PRO A 330 1.90 0.77 -27.42
N ASN A 331 1.11 0.33 -28.40
CA ASN A 331 0.73 -1.06 -28.47
C ASN A 331 1.96 -1.93 -28.69
N ILE A 332 1.91 -3.14 -28.15
CA ILE A 332 3.10 -3.99 -28.11
C ILE A 332 3.49 -4.40 -29.53
N THR A 333 4.79 -4.54 -29.76
CA THR A 333 5.34 -4.95 -31.04
C THR A 333 6.15 -6.24 -30.95
N ASN A 334 7.02 -6.37 -29.95
CA ASN A 334 7.91 -7.52 -29.83
C ASN A 334 7.21 -8.64 -29.08
N LEU A 335 6.31 -9.32 -29.78
CA LEU A 335 5.58 -10.42 -29.20
C LEU A 335 6.45 -11.68 -29.11
N CYS A 336 6.28 -12.41 -28.02
CA CYS A 336 6.96 -13.69 -27.90
C CYS A 336 6.34 -14.69 -28.87
N PRO A 337 7.15 -15.47 -29.58
CA PRO A 337 6.63 -16.38 -30.61
C PRO A 337 6.04 -17.68 -30.07
N PHE A 338 5.07 -17.54 -29.16
CA PHE A 338 4.39 -18.72 -28.64
C PHE A 338 3.60 -19.43 -29.73
N GLY A 339 2.86 -18.68 -30.54
CA GLY A 339 1.97 -19.29 -31.52
C GLY A 339 2.71 -20.21 -32.47
N GLU A 340 3.98 -19.91 -32.74
CA GLU A 340 4.79 -20.82 -33.55
C GLU A 340 4.85 -22.20 -32.91
N VAL A 341 5.12 -22.26 -31.61
CA VAL A 341 5.13 -23.53 -30.90
C VAL A 341 3.72 -24.13 -30.87
N PHE A 342 2.73 -23.28 -30.61
CA PHE A 342 1.34 -23.75 -30.58
C PHE A 342 0.89 -24.24 -31.94
N ASN A 343 1.19 -23.49 -33.00
CA ASN A 343 0.69 -23.78 -34.33
C ASN A 343 1.75 -24.38 -35.25
N ALA A 344 2.81 -24.96 -34.70
CA ALA A 344 3.75 -25.70 -35.53
C ALA A 344 3.04 -26.87 -36.19
N THR A 345 3.35 -27.09 -37.47
CA THR A 345 2.67 -28.15 -38.21
C THR A 345 2.95 -29.52 -37.62
N ARG A 346 4.19 -29.77 -37.22
CA ARG A 346 4.61 -31.06 -36.69
C ARG A 346 5.05 -30.92 -35.24
N PHE A 347 4.57 -31.84 -34.40
CA PHE A 347 5.05 -31.97 -33.03
C PHE A 347 5.81 -33.28 -32.87
N ALA A 348 6.75 -33.29 -31.94
CA ALA A 348 7.55 -34.47 -31.68
C ALA A 348 6.86 -35.37 -30.66
N SER A 349 7.30 -36.62 -30.61
CA SER A 349 6.78 -37.55 -29.63
C SER A 349 7.21 -37.14 -28.22
N VAL A 350 6.51 -37.68 -27.23
CA VAL A 350 6.72 -37.24 -25.86
C VAL A 350 8.14 -37.58 -25.38
N TYR A 351 8.65 -38.76 -25.77
CA TYR A 351 9.97 -39.16 -25.31
C TYR A 351 11.03 -38.19 -25.83
N ALA A 352 10.97 -37.84 -27.11
CA ALA A 352 11.87 -36.84 -27.67
C ALA A 352 11.16 -35.49 -27.72
N TRP A 353 10.70 -35.07 -26.54
CA TRP A 353 9.95 -33.82 -26.45
C TRP A 353 10.81 -32.64 -26.85
N ASN A 354 10.19 -31.71 -27.58
CA ASN A 354 10.87 -30.52 -28.08
C ASN A 354 10.92 -29.47 -26.97
N ARG A 355 11.96 -28.64 -27.01
CA ARG A 355 12.15 -27.57 -26.05
C ARG A 355 12.56 -26.31 -26.78
N LYS A 356 11.96 -25.17 -26.41
CA LYS A 356 12.30 -23.88 -26.97
C LYS A 356 12.53 -22.90 -25.83
N ARG A 357 13.61 -22.14 -25.91
CA ARG A 357 13.86 -21.08 -24.95
C ARG A 357 13.27 -19.78 -25.47
N ILE A 358 12.65 -19.01 -24.58
CA ILE A 358 11.98 -17.76 -24.94
C ILE A 358 12.51 -16.67 -24.02
N SER A 359 12.93 -15.56 -24.61
CA SER A 359 13.45 -14.43 -23.84
C SER A 359 13.43 -13.18 -24.69
N ASN A 360 13.59 -12.04 -24.03
CA ASN A 360 13.73 -10.74 -24.70
C ASN A 360 12.51 -10.43 -25.58
N CYS A 361 11.33 -10.64 -25.01
CA CYS A 361 10.08 -10.31 -25.70
C CYS A 361 9.00 -10.13 -24.65
N VAL A 362 7.84 -9.65 -25.10
CA VAL A 362 6.69 -9.47 -24.25
C VAL A 362 5.65 -10.51 -24.62
N ALA A 363 5.05 -11.13 -23.61
CA ALA A 363 4.18 -12.28 -23.81
C ALA A 363 2.85 -12.04 -23.11
N ASP A 364 1.75 -12.42 -23.76
CA ASP A 364 0.41 -12.34 -23.20
C ASP A 364 -0.09 -13.77 -22.96
N TYR A 365 -0.49 -14.04 -21.72
CA TYR A 365 -0.99 -15.35 -21.34
C TYR A 365 -2.49 -15.37 -21.16
N SER A 366 -3.10 -14.25 -20.77
CA SER A 366 -4.55 -14.20 -20.62
C SER A 366 -5.24 -14.50 -21.94
N VAL A 367 -4.64 -14.09 -23.05
CA VAL A 367 -5.19 -14.43 -24.36
C VAL A 367 -5.24 -15.93 -24.55
N LEU A 368 -4.17 -16.63 -24.14
CA LEU A 368 -4.20 -18.09 -24.14
C LEU A 368 -5.23 -18.61 -23.15
N TYR A 369 -5.34 -17.97 -21.99
CA TYR A 369 -6.37 -18.35 -21.03
C TYR A 369 -7.77 -18.11 -21.61
N ASN A 370 -7.95 -17.02 -22.35
CA ASN A 370 -9.24 -16.70 -22.94
C ASN A 370 -9.41 -17.40 -24.29
N SER A 371 -9.42 -18.72 -24.24
CA SER A 371 -9.62 -19.55 -25.43
C SER A 371 -10.19 -20.89 -25.00
N ALA A 372 -11.41 -21.19 -25.46
CA ALA A 372 -12.04 -22.46 -25.14
C ALA A 372 -11.41 -23.62 -25.88
N SER A 373 -10.51 -23.35 -26.84
CA SER A 373 -9.88 -24.41 -27.59
C SER A 373 -8.96 -25.25 -26.71
N PHE A 374 -8.58 -24.74 -25.54
CA PHE A 374 -7.69 -25.45 -24.64
C PHE A 374 -8.52 -26.26 -23.65
N SER A 375 -8.42 -27.59 -23.74
CA SER A 375 -9.21 -28.46 -22.87
C SER A 375 -8.72 -28.38 -21.43
N THR A 376 -7.41 -28.36 -21.22
CA THR A 376 -6.82 -28.41 -19.89
C THR A 376 -5.89 -27.21 -19.71
N PHE A 377 -6.20 -26.37 -18.72
CA PHE A 377 -5.39 -25.20 -18.39
C PHE A 377 -5.25 -25.12 -16.87
N LYS A 378 -4.22 -25.77 -16.34
CA LYS A 378 -3.95 -25.77 -14.91
C LYS A 378 -2.59 -25.14 -14.64
N CYS A 379 -2.54 -24.23 -13.67
CA CYS A 379 -1.31 -23.57 -13.26
C CYS A 379 -0.94 -24.00 -11.85
N TYR A 380 0.36 -24.03 -11.58
CA TYR A 380 0.87 -24.44 -10.27
C TYR A 380 1.94 -23.45 -9.84
N GLY A 381 1.83 -22.95 -8.61
CA GLY A 381 2.77 -22.00 -8.10
C GLY A 381 2.52 -20.57 -8.51
N VAL A 382 1.49 -20.30 -9.31
CA VAL A 382 1.14 -18.94 -9.72
C VAL A 382 -0.27 -18.96 -10.25
N SER A 383 -0.98 -17.84 -10.10
CA SER A 383 -2.34 -17.72 -10.60
C SER A 383 -2.35 -17.33 -12.07
N PRO A 384 -3.24 -17.94 -12.86
CA PRO A 384 -3.36 -17.53 -14.27
C PRO A 384 -3.72 -16.06 -14.42
N THR A 385 -4.50 -15.52 -13.50
CA THR A 385 -4.94 -14.13 -13.60
C THR A 385 -3.76 -13.17 -13.51
N LYS A 386 -2.84 -13.43 -12.59
CA LYS A 386 -1.67 -12.56 -12.42
C LYS A 386 -0.51 -12.94 -13.34
N LEU A 387 -0.76 -13.78 -14.35
CA LEU A 387 0.33 -14.22 -15.22
C LEU A 387 0.95 -13.04 -15.97
N ASN A 388 0.13 -12.12 -16.45
CA ASN A 388 0.66 -10.98 -17.19
C ASN A 388 1.41 -10.01 -16.28
N ASP A 389 1.32 -10.20 -14.96
CA ASP A 389 1.94 -9.29 -14.01
C ASP A 389 3.40 -9.62 -13.70
N LEU A 390 3.84 -10.85 -13.92
CA LEU A 390 5.14 -11.31 -13.45
C LEU A 390 6.16 -11.24 -14.58
N CYS A 391 7.44 -11.17 -14.18
CA CYS A 391 8.56 -11.15 -15.11
C CYS A 391 9.46 -12.34 -14.82
N PHE A 392 9.98 -12.96 -15.88
CA PHE A 392 10.92 -14.07 -15.76
C PHE A 392 12.09 -13.84 -16.71
N THR A 393 13.28 -14.30 -16.29
CA THR A 393 14.44 -14.18 -17.17
C THR A 393 14.36 -15.17 -18.32
N ASN A 394 14.01 -16.42 -18.02
CA ASN A 394 13.96 -17.47 -19.02
C ASN A 394 12.64 -18.22 -18.92
N VAL A 395 11.98 -18.39 -20.06
CA VAL A 395 10.74 -19.16 -20.15
C VAL A 395 10.95 -20.27 -21.17
N TYR A 396 10.81 -21.51 -20.72
CA TYR A 396 10.99 -22.68 -21.57
C TYR A 396 9.65 -23.30 -21.86
N ALA A 397 9.35 -23.48 -23.14
CA ALA A 397 8.10 -24.10 -23.59
C ALA A 397 8.44 -25.46 -24.19
N ASP A 398 7.83 -26.50 -23.64
CA ASP A 398 8.02 -27.86 -24.12
C ASP A 398 6.68 -28.41 -24.59
N SER A 399 6.66 -28.99 -25.78
CA SER A 399 5.43 -29.51 -26.37
C SER A 399 5.65 -30.92 -26.88
N PHE A 400 4.59 -31.71 -26.87
CA PHE A 400 4.61 -33.07 -27.36
C PHE A 400 3.17 -33.54 -27.51
N VAL A 401 3.00 -34.82 -27.83
CA VAL A 401 1.68 -35.41 -28.04
C VAL A 401 1.51 -36.60 -27.11
N ILE A 402 0.46 -36.56 -26.30
CA ILE A 402 0.10 -37.66 -25.41
C ILE A 402 -1.41 -37.83 -25.49
N ARG A 403 -1.87 -39.05 -25.24
CA ARG A 403 -3.30 -39.31 -25.36
C ARG A 403 -4.05 -38.77 -24.15
N GLY A 404 -5.38 -38.72 -24.28
CA GLY A 404 -6.18 -37.88 -23.40
C GLY A 404 -6.03 -38.21 -21.93
N ASP A 405 -6.09 -39.49 -21.57
CA ASP A 405 -6.04 -39.85 -20.15
C ASP A 405 -4.68 -39.56 -19.53
N GLU A 406 -3.64 -39.45 -20.35
CA GLU A 406 -2.30 -39.25 -19.84
C GLU A 406 -2.03 -37.83 -19.39
N VAL A 407 -2.93 -36.88 -19.68
CA VAL A 407 -2.64 -35.47 -19.39
C VAL A 407 -2.49 -35.26 -17.89
N ARG A 408 -3.10 -36.13 -17.08
CA ARG A 408 -3.06 -35.95 -15.63
C ARG A 408 -1.64 -36.07 -15.09
N GLN A 409 -0.86 -37.00 -15.63
CA GLN A 409 0.48 -37.24 -15.11
C GLN A 409 1.40 -36.04 -15.27
N ILE A 410 1.16 -35.18 -16.27
CA ILE A 410 2.04 -34.06 -16.52
C ILE A 410 2.07 -33.10 -15.34
N ALA A 411 1.00 -33.04 -14.55
CA ALA A 411 0.96 -32.15 -13.41
C ALA A 411 2.07 -32.48 -12.42
N PRO A 412 2.62 -31.47 -11.73
CA PRO A 412 3.74 -31.74 -10.82
C PRO A 412 3.34 -32.67 -9.69
N GLY A 413 4.32 -33.49 -9.27
CA GLY A 413 4.10 -34.41 -8.17
C GLY A 413 3.28 -35.63 -8.51
N GLN A 414 2.99 -35.87 -9.78
CA GLN A 414 2.18 -37.01 -10.16
C GLN A 414 3.05 -38.22 -10.50
N THR A 415 2.39 -39.37 -10.64
CA THR A 415 3.06 -40.63 -10.93
C THR A 415 2.41 -41.30 -12.13
N GLY A 416 3.17 -42.14 -12.79
CA GLY A 416 2.68 -42.85 -13.95
C GLY A 416 3.78 -43.07 -14.96
N LYS A 417 3.49 -43.92 -15.94
CA LYS A 417 4.50 -44.30 -16.92
C LYS A 417 5.03 -43.10 -17.68
N ILE A 418 4.12 -42.21 -18.12
CA ILE A 418 4.54 -41.01 -18.83
C ILE A 418 5.38 -40.13 -17.93
N ALA A 419 4.97 -39.98 -16.67
CA ALA A 419 5.72 -39.14 -15.73
C ALA A 419 7.09 -39.72 -15.45
N ASP A 420 7.21 -41.05 -15.47
CA ASP A 420 8.46 -41.67 -15.01
C ASP A 420 9.45 -41.83 -16.15
N TYR A 421 9.00 -42.22 -17.34
CA TYR A 421 9.89 -42.61 -18.42
C TYR A 421 9.86 -41.71 -19.64
N ASN A 422 8.94 -40.75 -19.72
CA ASN A 422 8.87 -39.89 -20.90
C ASN A 422 9.14 -38.44 -20.54
N TYR A 423 8.56 -37.91 -19.46
CA TYR A 423 8.75 -36.52 -19.08
C TYR A 423 8.29 -36.33 -17.66
N LYS A 424 9.10 -35.64 -16.86
CA LYS A 424 8.79 -35.41 -15.46
C LYS A 424 9.02 -33.96 -15.11
N LEU A 425 8.23 -33.45 -14.18
CA LEU A 425 8.26 -32.07 -13.75
C LEU A 425 8.69 -31.98 -12.29
N PRO A 426 9.41 -30.94 -11.90
CA PRO A 426 9.79 -30.80 -10.49
C PRO A 426 8.57 -30.61 -9.61
N ASP A 427 8.67 -31.09 -8.37
CA ASP A 427 7.57 -30.91 -7.43
C ASP A 427 7.41 -29.44 -7.07
N ASP A 428 8.47 -28.65 -7.17
CA ASP A 428 8.42 -27.20 -6.97
C ASP A 428 8.25 -26.45 -8.28
N PHE A 429 7.60 -27.07 -9.28
CA PHE A 429 7.48 -26.47 -10.59
C PHE A 429 6.71 -25.16 -10.53
N THR A 430 7.11 -24.20 -11.34
CA THR A 430 6.43 -22.91 -11.47
C THR A 430 6.04 -22.72 -12.93
N GLY A 431 4.75 -22.54 -13.18
CA GLY A 431 4.26 -22.37 -14.52
C GLY A 431 2.88 -22.98 -14.66
N CYS A 432 2.51 -23.27 -15.91
CA CYS A 432 1.19 -23.79 -16.23
C CYS A 432 1.31 -24.94 -17.22
N VAL A 433 0.30 -25.80 -17.22
CA VAL A 433 0.20 -26.90 -18.17
C VAL A 433 -1.02 -26.66 -19.05
N ILE A 434 -0.81 -26.64 -20.36
CA ILE A 434 -1.86 -26.32 -21.33
C ILE A 434 -1.98 -27.49 -22.30
N ALA A 435 -3.21 -27.93 -22.55
CA ALA A 435 -3.46 -29.08 -23.40
C ALA A 435 -4.71 -28.83 -24.24
N TRP A 436 -4.81 -29.55 -25.35
CA TRP A 436 -5.99 -29.51 -26.21
C TRP A 436 -6.01 -30.74 -27.09
N ASN A 437 -7.22 -31.19 -27.44
CA ASN A 437 -7.38 -32.34 -28.31
C ASN A 437 -6.97 -32.00 -29.74
N SER A 438 -6.39 -32.98 -30.43
CA SER A 438 -6.00 -32.80 -31.83
C SER A 438 -6.29 -34.06 -32.65
N ASN A 439 -7.39 -34.74 -32.34
CA ASN A 439 -7.74 -35.95 -33.11
C ASN A 439 -7.96 -35.61 -34.58
N ASN A 440 -8.42 -34.40 -34.86
CA ASN A 440 -8.64 -33.99 -36.24
C ASN A 440 -7.33 -33.95 -37.03
N LEU A 441 -6.25 -33.49 -36.39
CA LEU A 441 -4.99 -33.28 -37.11
C LEU A 441 -4.04 -34.45 -36.98
N ASP A 442 -3.88 -35.01 -35.78
CA ASP A 442 -2.82 -35.99 -35.52
C ASP A 442 -3.31 -37.42 -35.62
N SER A 443 -4.42 -37.66 -36.32
CA SER A 443 -4.92 -39.01 -36.54
C SER A 443 -5.28 -39.17 -38.00
N LYS A 444 -5.18 -40.41 -38.49
CA LYS A 444 -5.52 -40.76 -39.85
C LYS A 444 -6.27 -42.08 -39.87
N VAL A 445 -6.76 -42.45 -41.05
CA VAL A 445 -7.59 -43.64 -41.18
C VAL A 445 -6.83 -44.87 -40.70
N GLY A 446 -5.57 -45.00 -41.11
CA GLY A 446 -4.74 -46.08 -40.60
C GLY A 446 -4.15 -45.83 -39.24
N GLY A 447 -4.36 -44.64 -38.68
CA GLY A 447 -3.83 -44.31 -37.37
C GLY A 447 -2.38 -43.90 -37.44
N ASN A 448 -2.05 -42.88 -36.66
CA ASN A 448 -0.70 -42.31 -36.66
C ASN A 448 0.16 -43.08 -35.66
N TYR A 449 1.20 -43.75 -36.17
CA TYR A 449 2.18 -44.42 -35.34
C TYR A 449 3.44 -43.60 -35.15
N ASN A 450 3.50 -42.39 -35.72
CA ASN A 450 4.69 -41.56 -35.59
C ASN A 450 4.88 -41.09 -34.15
N TYR A 451 3.78 -40.88 -33.43
CA TYR A 451 3.87 -40.45 -32.04
C TYR A 451 4.17 -41.64 -31.14
N LEU A 452 5.18 -41.48 -30.29
CA LEU A 452 5.77 -42.56 -29.53
C LEU A 452 5.91 -42.17 -28.06
N TYR A 453 5.81 -43.18 -27.19
CA TYR A 453 6.02 -43.00 -25.76
C TYR A 453 6.97 -44.07 -25.25
N ARG A 454 7.97 -43.66 -24.48
CA ARG A 454 8.94 -44.60 -23.93
C ARG A 454 8.24 -45.48 -22.91
N LEU A 455 7.98 -46.73 -23.29
CA LEU A 455 7.26 -47.64 -22.39
C LEU A 455 8.16 -48.15 -21.27
N PHE A 456 9.41 -48.46 -21.59
CA PHE A 456 10.33 -49.06 -20.62
C PHE A 456 11.57 -48.20 -20.48
N ARG A 457 12.11 -48.14 -19.27
CA ARG A 457 13.37 -47.48 -19.01
C ARG A 457 13.98 -48.04 -17.74
N LYS A 458 15.31 -47.96 -17.64
CA LYS A 458 16.01 -48.52 -16.50
C LYS A 458 15.65 -47.82 -15.19
N SER A 459 15.57 -46.49 -15.22
CA SER A 459 15.30 -45.70 -14.03
C SER A 459 14.31 -44.60 -14.35
N ASN A 460 13.60 -44.15 -13.31
CA ASN A 460 12.66 -43.04 -13.47
C ASN A 460 13.40 -41.76 -13.82
N LEU A 461 12.81 -40.96 -14.69
CA LEU A 461 13.46 -39.74 -15.13
C LEU A 461 13.44 -38.67 -14.04
N LYS A 462 14.53 -37.91 -13.98
CA LYS A 462 14.55 -36.69 -13.19
C LYS A 462 13.71 -35.63 -13.90
N PRO A 463 13.30 -34.59 -13.17
CA PRO A 463 12.63 -33.46 -13.83
C PRO A 463 13.56 -32.81 -14.86
N PHE A 464 12.97 -32.35 -15.96
CA PHE A 464 13.71 -31.70 -17.05
C PHE A 464 14.79 -32.60 -17.61
N GLU A 465 14.51 -33.90 -17.71
CA GLU A 465 15.46 -34.87 -18.22
C GLU A 465 14.96 -35.44 -19.54
N ARG A 466 15.78 -35.33 -20.58
CA ARG A 466 15.45 -35.85 -21.90
C ARG A 466 16.27 -37.11 -22.16
N ASP A 467 15.58 -38.21 -22.46
CA ASP A 467 16.23 -39.47 -22.79
C ASP A 467 15.85 -39.87 -24.20
N ILE A 468 16.85 -40.05 -25.06
CA ILE A 468 16.63 -40.42 -26.45
C ILE A 468 17.31 -41.74 -26.79
N SER A 469 17.83 -42.45 -25.79
CA SER A 469 18.52 -43.69 -26.05
C SER A 469 17.58 -44.75 -26.61
N THR A 470 18.03 -45.46 -27.64
CA THR A 470 17.27 -46.54 -28.25
C THR A 470 17.78 -47.91 -27.81
N GLU A 471 18.61 -47.97 -26.78
CA GLU A 471 19.15 -49.24 -26.32
C GLU A 471 18.02 -50.15 -25.82
N ILE A 472 18.08 -51.42 -26.21
CA ILE A 472 17.04 -52.36 -25.86
C ILE A 472 16.94 -52.51 -24.34
N TYR A 473 15.72 -52.52 -23.84
CA TYR A 473 15.49 -52.67 -22.41
C TYR A 473 15.71 -54.12 -22.00
N GLN A 474 16.70 -54.36 -21.16
CA GLN A 474 17.02 -55.71 -20.69
C GLN A 474 16.30 -55.97 -19.37
N ALA A 475 15.02 -56.33 -19.50
CA ALA A 475 14.23 -56.63 -18.31
C ALA A 475 14.75 -57.85 -17.58
N GLY A 476 15.16 -58.88 -18.34
CA GLY A 476 15.67 -60.09 -17.72
C GLY A 476 17.17 -60.06 -17.51
N SER A 477 17.67 -61.13 -16.89
CA SER A 477 19.09 -61.24 -16.60
C SER A 477 19.88 -61.62 -17.85
N THR A 478 19.20 -62.13 -18.87
CA THR A 478 19.88 -62.61 -20.06
C THR A 478 20.46 -61.45 -20.86
N PRO A 479 21.78 -61.43 -21.10
CA PRO A 479 22.34 -60.37 -21.94
C PRO A 479 22.02 -60.63 -23.41
N CYS A 480 21.14 -59.82 -23.97
CA CYS A 480 20.67 -60.07 -25.33
C CYS A 480 21.64 -59.52 -26.37
N ASN A 481 22.51 -58.60 -25.97
CA ASN A 481 23.46 -57.97 -26.88
C ASN A 481 22.75 -57.26 -28.04
N GLY A 482 21.67 -56.55 -27.74
CA GLY A 482 20.97 -55.80 -28.77
C GLY A 482 20.06 -56.59 -29.66
N VAL A 483 19.55 -57.73 -29.19
CA VAL A 483 18.62 -58.57 -29.95
C VAL A 483 17.34 -58.72 -29.15
N GLU A 484 16.20 -58.51 -29.80
CA GLU A 484 14.92 -58.65 -29.13
C GLU A 484 14.71 -60.09 -28.67
N GLY A 485 14.19 -60.25 -27.45
CA GLY A 485 13.99 -61.57 -26.89
C GLY A 485 12.79 -61.67 -25.97
N PHE A 486 12.67 -62.79 -25.25
CA PHE A 486 11.56 -62.99 -24.34
C PHE A 486 11.59 -61.98 -23.20
N ASN A 487 12.75 -61.79 -22.58
CA ASN A 487 12.90 -60.85 -21.48
C ASN A 487 13.55 -59.54 -21.91
N CYS A 488 13.82 -59.38 -23.20
CA CYS A 488 14.39 -58.15 -23.74
C CYS A 488 13.34 -57.46 -24.59
N TYR A 489 13.04 -56.21 -24.27
CA TYR A 489 11.96 -55.48 -24.90
C TYR A 489 12.50 -54.17 -25.46
N PHE A 490 11.92 -53.73 -26.57
CA PHE A 490 12.25 -52.42 -27.10
C PHE A 490 11.66 -51.36 -26.18
N PRO A 491 12.48 -50.46 -25.62
CA PRO A 491 11.96 -49.53 -24.61
C PRO A 491 10.87 -48.61 -25.14
N LEU A 492 10.85 -48.36 -26.44
CA LEU A 492 9.94 -47.38 -27.01
C LEU A 492 8.65 -48.04 -27.49
N GLN A 493 7.54 -47.30 -27.34
CA GLN A 493 6.23 -47.74 -27.81
C GLN A 493 5.49 -46.55 -28.39
N SER A 494 4.70 -46.82 -29.44
CA SER A 494 4.00 -45.78 -30.18
C SER A 494 2.51 -46.01 -30.10
N TYR A 495 1.74 -44.93 -30.18
CA TYR A 495 0.28 -45.03 -30.19
C TYR A 495 -0.19 -45.52 -31.55
N GLY A 496 -1.39 -46.11 -31.56
CA GLY A 496 -2.06 -46.34 -32.83
C GLY A 496 -2.78 -45.10 -33.33
N PHE A 497 -3.49 -44.42 -32.43
CA PHE A 497 -4.18 -43.17 -32.72
C PHE A 497 -5.19 -43.31 -33.86
N GLN A 498 -6.04 -44.33 -33.77
CA GLN A 498 -7.18 -44.39 -34.67
C GLN A 498 -8.21 -43.34 -34.26
N PRO A 499 -8.79 -42.64 -35.24
CA PRO A 499 -9.71 -41.53 -34.90
C PRO A 499 -10.93 -41.99 -34.11
N THR A 500 -11.35 -43.24 -34.28
CA THR A 500 -12.54 -43.75 -33.61
C THR A 500 -12.22 -44.38 -32.25
N ASN A 501 -10.98 -44.30 -31.80
CA ASN A 501 -10.64 -44.84 -30.48
C ASN A 501 -11.39 -44.11 -29.38
N GLY A 502 -11.53 -42.79 -29.51
CA GLY A 502 -12.29 -42.01 -28.56
C GLY A 502 -11.41 -41.10 -27.71
N VAL A 503 -12.05 -40.08 -27.13
CA VAL A 503 -11.35 -39.19 -26.22
C VAL A 503 -10.80 -39.99 -25.05
N GLY A 504 -9.66 -39.57 -24.53
CA GLY A 504 -8.87 -40.37 -23.64
C GLY A 504 -7.84 -41.22 -24.33
N TYR A 505 -8.09 -41.62 -25.58
CA TYR A 505 -7.08 -42.18 -26.45
C TYR A 505 -6.71 -41.24 -27.59
N GLN A 506 -7.49 -40.16 -27.79
CA GLN A 506 -7.20 -39.22 -28.84
C GLN A 506 -5.93 -38.43 -28.52
N PRO A 507 -5.15 -38.06 -29.54
CA PRO A 507 -3.93 -37.29 -29.28
C PRO A 507 -4.25 -35.92 -28.70
N TYR A 508 -3.45 -35.50 -27.71
CA TYR A 508 -3.56 -34.18 -27.12
C TYR A 508 -2.23 -33.47 -27.25
N ARG A 509 -2.19 -32.45 -28.09
CA ARG A 509 -1.00 -31.62 -28.20
C ARG A 509 -0.84 -30.82 -26.90
N VAL A 510 0.10 -31.24 -26.06
CA VAL A 510 0.25 -30.71 -24.72
C VAL A 510 1.51 -29.85 -24.67
N VAL A 511 1.35 -28.59 -24.27
CA VAL A 511 2.46 -27.65 -24.14
C VAL A 511 2.63 -27.34 -22.67
N VAL A 512 3.86 -27.40 -22.19
CA VAL A 512 4.20 -27.13 -20.80
C VAL A 512 5.00 -25.85 -20.74
N LEU A 513 4.51 -24.88 -19.98
CA LEU A 513 5.19 -23.60 -19.80
C LEU A 513 5.94 -23.64 -18.48
N SER A 514 7.26 -23.76 -18.54
CA SER A 514 8.12 -23.77 -17.37
C SER A 514 8.85 -22.43 -17.28
N PHE A 515 8.70 -21.76 -16.16
CA PHE A 515 9.32 -20.45 -15.94
C PHE A 515 10.49 -20.62 -14.99
N GLU A 516 11.65 -20.10 -15.40
CA GLU A 516 12.85 -20.14 -14.57
C GLU A 516 13.01 -18.80 -13.87
N LEU A 517 13.03 -18.83 -12.54
CA LEU A 517 13.13 -17.64 -11.72
C LEU A 517 14.53 -17.62 -11.11
N LEU A 518 15.39 -16.74 -11.63
CA LEU A 518 16.79 -16.70 -11.25
C LEU A 518 17.17 -15.29 -10.83
N HIS A 519 18.26 -15.19 -10.06
CA HIS A 519 18.79 -13.89 -9.64
C HIS A 519 19.59 -13.28 -10.79
N ALA A 520 18.88 -12.99 -11.87
CA ALA A 520 19.46 -12.37 -13.04
C ALA A 520 18.47 -11.34 -13.57
N PRO A 521 18.95 -10.34 -14.31
CA PRO A 521 18.01 -9.39 -14.93
C PRO A 521 17.05 -10.11 -15.86
N ALA A 522 15.76 -9.99 -15.55
CA ALA A 522 14.74 -10.70 -16.29
C ALA A 522 14.56 -10.10 -17.69
N THR A 523 14.07 -10.93 -18.60
CA THR A 523 13.78 -10.52 -19.97
C THR A 523 12.29 -10.57 -20.29
N VAL A 524 11.65 -11.72 -20.05
CA VAL A 524 10.23 -11.86 -20.34
C VAL A 524 9.41 -11.08 -19.34
N CYS A 525 8.50 -10.26 -19.85
CA CYS A 525 7.57 -9.50 -19.02
C CYS A 525 6.23 -9.39 -19.73
N GLY A 526 5.20 -9.12 -18.94
CA GLY A 526 3.85 -9.05 -19.46
C GLY A 526 3.59 -7.77 -20.22
N PRO A 527 2.47 -7.73 -20.91
CA PRO A 527 2.11 -6.53 -21.69
C PRO A 527 1.68 -5.39 -20.79
N LYS A 528 1.75 -4.18 -21.34
CA LYS A 528 1.29 -2.99 -20.67
C LYS A 528 0.02 -2.50 -21.35
N LYS A 529 -1.04 -2.31 -20.57
CA LYS A 529 -2.36 -1.99 -21.09
C LYS A 529 -2.53 -0.48 -21.18
N SER A 530 -3.00 -0.02 -22.34
CA SER A 530 -3.31 1.38 -22.55
C SER A 530 -4.76 1.72 -22.24
N THR A 531 -5.41 0.93 -21.36
CA THR A 531 -6.75 1.24 -20.85
C THR A 531 -7.76 1.43 -21.97
N ASN A 532 -7.53 0.78 -23.10
CA ASN A 532 -8.41 0.85 -24.28
C ASN A 532 -8.53 2.32 -24.68
N LEU A 533 -9.74 2.85 -24.86
CA LEU A 533 -9.92 4.26 -25.18
C LEU A 533 -11.28 4.72 -24.70
N VAL A 534 -11.35 5.96 -24.22
CA VAL A 534 -12.58 6.57 -23.76
C VAL A 534 -12.68 7.97 -24.37
N LYS A 535 -13.89 8.52 -24.34
CA LYS A 535 -14.17 9.79 -24.99
C LYS A 535 -15.07 10.64 -24.10
N ASN A 536 -14.90 11.95 -24.22
CA ASN A 536 -15.78 12.94 -23.59
C ASN A 536 -15.85 12.79 -22.08
N LYS A 537 -14.69 12.63 -21.43
CA LYS A 537 -14.58 12.64 -19.99
C LYS A 537 -13.42 13.56 -19.58
N CYS A 538 -13.74 14.61 -18.83
CA CYS A 538 -12.74 15.60 -18.43
C CYS A 538 -11.93 15.00 -17.29
N VAL A 539 -10.89 14.25 -17.66
CA VAL A 539 -10.07 13.53 -16.69
C VAL A 539 -8.61 13.87 -16.96
N ASN A 540 -7.70 13.26 -16.21
CA ASN A 540 -6.26 13.51 -16.36
C ASN A 540 -5.74 12.76 -17.56
N PHE A 541 -5.05 13.47 -18.46
CA PHE A 541 -4.36 12.82 -19.57
C PHE A 541 -2.87 12.84 -19.27
N ASN A 542 -2.25 11.67 -19.32
CA ASN A 542 -0.83 11.52 -18.98
C ASN A 542 -0.16 10.68 -20.05
N PHE A 543 -0.32 11.06 -21.31
CA PHE A 543 0.15 10.22 -22.42
C PHE A 543 1.65 9.99 -22.26
N ASN A 544 2.01 8.77 -21.88
CA ASN A 544 3.37 8.45 -21.48
C ASN A 544 3.91 9.44 -20.45
N GLY A 545 3.01 9.97 -19.61
CA GLY A 545 3.40 10.91 -18.57
C GLY A 545 3.33 12.37 -18.95
N LEU A 546 2.28 12.78 -19.66
CA LEU A 546 2.12 14.20 -19.97
C LEU A 546 1.59 14.97 -18.78
N THR A 547 0.95 14.28 -17.83
CA THR A 547 0.46 14.82 -16.56
C THR A 547 -0.57 15.93 -16.72
N GLY A 548 -1.32 15.95 -17.84
CA GLY A 548 -2.33 16.98 -18.03
C GLY A 548 -3.71 16.58 -17.55
N THR A 549 -4.65 17.51 -17.68
CA THR A 549 -6.05 17.31 -17.33
C THR A 549 -6.92 17.84 -18.47
N GLY A 550 -8.02 17.15 -18.77
CA GLY A 550 -8.93 17.65 -19.77
C GLY A 550 -9.90 16.61 -20.29
N VAL A 551 -10.74 17.04 -21.23
CA VAL A 551 -11.76 16.14 -21.77
C VAL A 551 -11.33 15.61 -23.15
N LEU A 552 -11.67 14.35 -23.40
CA LEU A 552 -11.24 13.65 -24.60
C LEU A 552 -12.25 13.91 -25.72
N THR A 553 -11.79 14.55 -26.80
CA THR A 553 -12.60 14.78 -27.97
C THR A 553 -11.76 14.58 -29.21
N GLU A 554 -12.43 14.29 -30.32
CA GLU A 554 -11.74 14.06 -31.59
C GLU A 554 -11.09 15.35 -32.09
N SER A 555 -9.88 15.21 -32.63
CA SER A 555 -9.12 16.35 -33.15
C SER A 555 -9.06 16.26 -34.67
N ASN A 556 -9.70 17.21 -35.35
CA ASN A 556 -9.60 17.27 -36.80
C ASN A 556 -8.21 17.72 -37.24
N LYS A 557 -7.59 18.61 -36.47
CA LYS A 557 -6.25 19.08 -36.81
C LYS A 557 -5.24 17.94 -36.68
N LYS A 558 -4.30 17.89 -37.62
CA LYS A 558 -3.30 16.83 -37.67
C LYS A 558 -1.93 17.42 -37.35
N PHE A 559 -1.37 17.04 -36.20
CA PHE A 559 -0.03 17.46 -35.84
C PHE A 559 1.02 16.66 -36.59
N LEU A 560 2.26 16.83 -36.16
CA LEU A 560 3.37 16.09 -36.77
C LEU A 560 3.20 14.61 -36.47
N PRO A 561 3.20 13.74 -37.48
CA PRO A 561 2.82 12.34 -37.24
C PRO A 561 3.84 11.55 -36.43
N PHE A 562 5.14 11.75 -36.68
CA PHE A 562 6.15 10.91 -36.04
C PHE A 562 6.18 11.13 -34.52
N GLN A 563 5.69 12.27 -34.05
CA GLN A 563 5.58 12.49 -32.62
C GLN A 563 4.53 11.56 -32.03
N GLN A 564 4.83 11.03 -30.84
CA GLN A 564 3.83 10.20 -30.15
C GLN A 564 2.62 11.03 -29.76
N PHE A 565 2.85 12.27 -29.33
CA PHE A 565 1.78 13.21 -29.03
C PHE A 565 2.05 14.52 -29.77
N GLY A 566 1.00 15.11 -30.33
CA GLY A 566 1.15 16.40 -30.97
C GLY A 566 1.57 17.47 -29.96
N ARG A 567 2.64 18.19 -30.31
CA ARG A 567 3.20 19.20 -29.42
C ARG A 567 2.69 20.57 -29.84
N ASP A 568 2.07 21.29 -28.90
CA ASP A 568 1.62 22.65 -29.12
C ASP A 568 2.74 23.63 -28.80
N ILE A 569 2.52 24.89 -29.17
CA ILE A 569 3.47 25.94 -28.83
C ILE A 569 3.58 26.07 -27.31
N ALA A 570 2.47 25.91 -26.60
CA ALA A 570 2.49 25.86 -25.15
C ALA A 570 2.75 24.44 -24.67
N ASP A 571 3.14 24.32 -23.40
CA ASP A 571 3.37 23.00 -22.83
C ASP A 571 2.11 22.16 -22.85
N THR A 572 0.98 22.75 -22.46
CA THR A 572 -0.30 22.07 -22.58
C THR A 572 -0.76 22.11 -24.04
N THR A 573 -1.07 20.95 -24.59
CA THR A 573 -1.41 20.81 -26.00
C THR A 573 -2.91 20.57 -26.13
N ASP A 574 -3.56 21.37 -26.98
CA ASP A 574 -5.00 21.22 -27.19
C ASP A 574 -5.34 19.84 -27.72
N ALA A 575 -4.56 19.33 -28.66
CA ALA A 575 -4.76 18.01 -29.22
C ALA A 575 -3.54 17.15 -28.93
N VAL A 576 -3.77 15.92 -28.48
CA VAL A 576 -2.72 15.00 -28.12
C VAL A 576 -2.84 13.77 -29.02
N ARG A 577 -1.75 13.43 -29.69
CA ARG A 577 -1.75 12.26 -30.58
C ARG A 577 -1.71 10.98 -29.76
N ASP A 578 -2.26 9.91 -30.34
CA ASP A 578 -2.44 8.66 -29.61
C ASP A 578 -1.33 7.69 -29.97
N PRO A 579 -0.45 7.34 -29.03
CA PRO A 579 0.51 6.26 -29.33
C PRO A 579 -0.16 4.93 -29.61
N GLN A 580 -1.29 4.64 -28.95
CA GLN A 580 -1.94 3.35 -29.13
C GLN A 580 -2.50 3.20 -30.54
N THR A 581 -3.46 4.05 -30.90
CA THR A 581 -4.11 4.01 -32.19
C THR A 581 -3.34 4.91 -33.16
N LEU A 582 -3.93 5.19 -34.31
CA LEU A 582 -3.38 6.17 -35.25
C LEU A 582 -4.37 7.33 -35.32
N GLU A 583 -4.26 8.24 -34.35
CA GLU A 583 -5.23 9.32 -34.20
C GLU A 583 -4.63 10.43 -33.35
N ILE A 584 -5.25 11.60 -33.44
CA ILE A 584 -4.97 12.74 -32.57
C ILE A 584 -6.29 13.17 -31.96
N LEU A 585 -6.30 13.40 -30.65
CA LEU A 585 -7.52 13.71 -29.91
C LEU A 585 -7.36 15.06 -29.23
N ASP A 586 -8.37 15.92 -29.38
CA ASP A 586 -8.37 17.21 -28.68
C ASP A 586 -8.56 17.00 -27.19
N ILE A 587 -8.09 17.96 -26.40
CA ILE A 587 -8.28 17.96 -24.97
C ILE A 587 -8.81 19.33 -24.57
N THR A 588 -9.55 19.39 -23.46
CA THR A 588 -10.10 20.66 -23.01
C THR A 588 -10.27 20.66 -21.50
N PRO A 589 -9.75 21.67 -20.80
CA PRO A 589 -9.87 21.71 -19.34
C PRO A 589 -11.31 21.78 -18.89
N CYS A 590 -11.53 21.40 -17.62
CA CYS A 590 -12.88 21.30 -17.09
C CYS A 590 -13.46 22.68 -16.76
N SER A 591 -12.66 23.56 -16.17
CA SER A 591 -13.09 24.90 -15.80
C SER A 591 -12.47 25.91 -16.74
N PHE A 592 -13.17 26.22 -17.84
CA PHE A 592 -12.70 27.28 -18.72
C PHE A 592 -12.72 28.64 -18.05
N GLY A 593 -13.56 28.83 -17.05
CA GLY A 593 -13.56 30.04 -16.25
C GLY A 593 -12.79 29.82 -14.95
N GLY A 594 -12.04 30.83 -14.55
CA GLY A 594 -11.32 30.75 -13.29
C GLY A 594 -12.26 30.90 -12.11
N VAL A 595 -12.46 29.82 -11.37
CA VAL A 595 -13.42 29.80 -10.27
C VAL A 595 -12.80 30.56 -9.10
N SER A 596 -13.12 31.85 -8.99
CA SER A 596 -12.66 32.70 -7.90
C SER A 596 -13.82 32.88 -6.93
N VAL A 597 -13.67 32.33 -5.72
CA VAL A 597 -14.73 32.34 -4.73
C VAL A 597 -14.43 33.43 -3.71
N ILE A 598 -15.42 34.27 -3.43
CA ILE A 598 -15.30 35.33 -2.43
C ILE A 598 -16.25 34.99 -1.28
N THR A 599 -15.72 34.98 -0.06
CA THR A 599 -16.50 34.70 1.13
C THR A 599 -15.76 35.26 2.34
N PRO A 600 -16.49 35.67 3.36
CA PRO A 600 -15.83 36.09 4.61
C PRO A 600 -15.24 34.89 5.33
N GLY A 601 -14.67 35.18 6.50
CA GLY A 601 -14.12 34.10 7.31
C GLY A 601 -15.18 33.10 7.72
N THR A 602 -14.76 31.84 7.85
CA THR A 602 -15.68 30.79 8.26
C THR A 602 -16.33 31.12 9.61
N ASN A 603 -15.59 31.81 10.47
CA ASN A 603 -16.19 32.34 11.69
C ASN A 603 -17.20 33.43 11.39
N THR A 604 -16.93 34.25 10.37
CA THR A 604 -17.75 35.43 10.13
C THR A 604 -19.13 35.06 9.61
N SER A 605 -19.20 34.47 8.42
CA SER A 605 -20.48 34.19 7.79
C SER A 605 -20.31 33.06 6.78
N ASN A 606 -21.44 32.43 6.44
CA ASN A 606 -21.46 31.32 5.50
C ASN A 606 -21.82 31.75 4.08
N GLN A 607 -22.00 33.04 3.85
CA GLN A 607 -22.35 33.52 2.52
C GLN A 607 -21.19 33.29 1.56
N VAL A 608 -21.54 33.13 0.27
CA VAL A 608 -20.55 32.86 -0.76
C VAL A 608 -20.75 33.82 -1.92
N ALA A 609 -19.66 34.07 -2.65
CA ALA A 609 -19.69 34.85 -3.87
C ALA A 609 -18.79 34.18 -4.90
N VAL A 610 -19.37 33.81 -6.04
CA VAL A 610 -18.67 33.06 -7.07
C VAL A 610 -18.49 33.97 -8.28
N LEU A 611 -17.23 34.14 -8.71
CA LEU A 611 -16.90 34.96 -9.86
C LEU A 611 -16.20 34.10 -10.90
N TYR A 612 -16.79 34.05 -12.10
CA TYR A 612 -16.16 33.43 -13.25
C TYR A 612 -15.42 34.51 -14.02
N GLN A 613 -14.10 34.55 -13.86
CA GLN A 613 -13.29 35.62 -14.46
C GLN A 613 -13.39 35.56 -15.98
N ASP A 614 -13.60 36.71 -16.60
CA ASP A 614 -13.65 36.86 -18.05
C ASP A 614 -14.72 35.96 -18.67
N VAL A 615 -15.87 35.82 -18.00
CA VAL A 615 -16.96 34.99 -18.47
C VAL A 615 -18.24 35.82 -18.44
N ASN A 616 -18.95 35.87 -19.56
CA ASN A 616 -20.22 36.58 -19.61
C ASN A 616 -21.29 35.81 -18.84
N CYS A 617 -22.31 36.55 -18.39
CA CYS A 617 -23.42 35.92 -17.70
C CYS A 617 -24.17 34.97 -18.61
N THR A 618 -24.04 35.15 -19.93
CA THR A 618 -24.60 34.19 -20.87
C THR A 618 -23.69 32.98 -21.02
N GLU A 619 -22.39 33.16 -20.82
CA GLU A 619 -21.45 32.05 -20.80
C GLU A 619 -21.42 31.34 -19.45
N VAL A 620 -22.01 31.95 -18.41
CA VAL A 620 -22.19 31.25 -17.15
C VAL A 620 -22.99 29.97 -17.37
N PRO A 621 -24.07 29.95 -18.15
CA PRO A 621 -24.67 28.65 -18.51
C PRO A 621 -23.72 27.73 -19.26
N VAL A 622 -22.78 28.27 -20.03
CA VAL A 622 -21.79 27.41 -20.69
C VAL A 622 -20.98 26.67 -19.64
N ALA A 623 -20.58 27.37 -18.58
CA ALA A 623 -19.96 26.69 -17.45
C ALA A 623 -20.93 25.73 -16.77
N ILE A 624 -22.18 26.16 -16.62
CA ILE A 624 -23.21 25.39 -15.94
C ILE A 624 -23.46 24.06 -16.64
N HIS A 625 -23.18 23.98 -17.94
CA HIS A 625 -23.28 22.68 -18.61
C HIS A 625 -22.32 21.66 -17.98
N ALA A 626 -21.02 21.96 -18.00
CA ALA A 626 -20.05 21.05 -17.39
C ALA A 626 -20.30 20.90 -15.91
N ASP A 627 -20.86 21.92 -15.27
CA ASP A 627 -21.13 21.84 -13.83
C ASP A 627 -22.32 20.93 -13.55
N GLN A 628 -23.33 20.95 -14.43
CA GLN A 628 -24.53 20.17 -14.23
C GLN A 628 -24.33 18.72 -14.66
N LEU A 629 -23.29 18.48 -15.45
CA LEU A 629 -22.82 17.10 -15.58
C LEU A 629 -22.51 16.50 -14.22
N THR A 630 -22.02 17.34 -13.30
CA THR A 630 -21.91 16.95 -11.91
C THR A 630 -23.25 17.16 -11.20
N PRO A 631 -23.74 16.16 -10.47
CA PRO A 631 -25.04 16.31 -9.80
C PRO A 631 -25.04 17.42 -8.77
N THR A 632 -26.21 18.02 -8.57
CA THR A 632 -26.55 19.04 -7.59
C THR A 632 -25.92 20.39 -7.88
N TRP A 633 -25.03 20.50 -8.86
CA TRP A 633 -24.55 21.83 -9.26
C TRP A 633 -25.60 22.55 -10.11
N ARG A 634 -26.61 21.82 -10.60
CA ARG A 634 -27.79 22.47 -11.12
C ARG A 634 -28.43 23.35 -10.06
N VAL A 635 -28.56 22.81 -8.85
CA VAL A 635 -29.03 23.61 -7.72
C VAL A 635 -28.00 24.66 -7.35
N TYR A 636 -26.72 24.31 -7.44
CA TYR A 636 -25.67 25.23 -7.04
C TYR A 636 -25.44 26.28 -8.11
N SER A 637 -24.58 27.24 -7.78
CA SER A 637 -24.58 28.58 -8.37
C SER A 637 -25.93 29.21 -8.03
N THR A 638 -26.58 28.74 -6.97
CA THR A 638 -27.91 29.18 -6.52
C THR A 638 -28.86 29.06 -7.71
N GLY A 639 -29.74 30.03 -7.96
CA GLY A 639 -30.62 30.00 -9.11
C GLY A 639 -30.01 30.73 -10.28
N SER A 640 -28.70 30.92 -10.22
CA SER A 640 -27.95 31.68 -11.23
C SER A 640 -28.50 33.10 -11.35
N ASN A 641 -28.80 33.72 -10.20
CA ASN A 641 -29.12 35.15 -10.18
C ASN A 641 -27.93 35.93 -10.68
N VAL A 642 -28.15 36.78 -11.68
CA VAL A 642 -27.09 37.31 -12.52
C VAL A 642 -26.77 38.74 -12.11
N PHE A 643 -25.47 39.01 -11.96
CA PHE A 643 -24.94 40.36 -11.96
C PHE A 643 -23.63 40.35 -12.72
N GLN A 644 -23.49 41.23 -13.70
CA GLN A 644 -22.38 41.19 -14.64
C GLN A 644 -21.37 42.26 -14.32
N THR A 645 -20.10 41.88 -14.28
CA THR A 645 -18.98 42.81 -14.15
C THR A 645 -17.97 42.53 -15.25
N ARG A 646 -17.17 43.54 -15.57
CA ARG A 646 -16.16 43.37 -16.62
C ARG A 646 -15.14 42.32 -16.22
N ALA A 647 -14.78 42.25 -14.94
CA ALA A 647 -13.91 41.18 -14.46
C ALA A 647 -14.56 39.83 -14.68
N GLY A 648 -15.87 39.75 -14.47
CA GLY A 648 -16.59 38.52 -14.72
C GLY A 648 -18.00 38.61 -14.19
N CYS A 649 -18.81 37.64 -14.60
CA CYS A 649 -20.18 37.57 -14.10
C CYS A 649 -20.17 37.03 -12.68
N LEU A 650 -20.97 37.67 -11.81
CA LEU A 650 -20.99 37.36 -10.39
C LEU A 650 -22.36 36.82 -10.00
N ILE A 651 -22.36 35.70 -9.27
CA ILE A 651 -23.57 35.04 -8.83
C ILE A 651 -23.45 34.72 -7.35
N GLY A 652 -24.54 34.96 -6.62
CA GLY A 652 -24.58 34.69 -5.20
C GLY A 652 -24.54 35.91 -4.31
N ALA A 653 -24.64 37.11 -4.88
CA ALA A 653 -24.65 38.34 -4.11
C ALA A 653 -25.46 39.39 -4.85
N GLU A 654 -25.77 40.48 -4.15
CA GLU A 654 -26.53 41.58 -4.71
C GLU A 654 -25.63 42.79 -4.89
N HIS A 655 -25.75 43.44 -6.04
CA HIS A 655 -24.93 44.61 -6.32
C HIS A 655 -25.36 45.79 -5.45
N VAL A 656 -24.40 46.38 -4.76
CA VAL A 656 -24.65 47.52 -3.88
C VAL A 656 -24.62 48.79 -4.71
N ASN A 657 -25.80 49.35 -4.98
CA ASN A 657 -25.88 50.57 -5.76
C ASN A 657 -25.21 51.73 -5.04
N ASN A 658 -25.39 51.82 -3.72
CA ASN A 658 -24.80 52.91 -2.96
C ASN A 658 -23.28 52.76 -2.91
N SER A 659 -22.59 53.88 -3.08
CA SER A 659 -21.14 53.87 -3.03
C SER A 659 -20.64 53.60 -1.63
N TYR A 660 -19.63 52.74 -1.52
CA TYR A 660 -19.05 52.37 -0.23
C TYR A 660 -17.58 52.04 -0.41
N GLU A 661 -16.86 52.06 0.70
CA GLU A 661 -15.47 51.60 0.70
C GLU A 661 -15.42 50.11 0.40
N CYS A 662 -14.33 49.67 -0.20
CA CYS A 662 -14.22 48.27 -0.61
C CYS A 662 -14.08 47.37 0.61
N ASP A 663 -14.80 46.25 0.60
CA ASP A 663 -14.69 45.23 1.63
C ASP A 663 -13.81 44.07 1.19
N ILE A 664 -14.05 43.54 -0.01
CA ILE A 664 -13.17 42.54 -0.62
C ILE A 664 -12.84 43.03 -2.03
N PRO A 665 -11.57 43.07 -2.43
CA PRO A 665 -11.23 43.60 -3.76
C PRO A 665 -11.69 42.68 -4.89
N ILE A 666 -12.98 42.76 -5.19
CA ILE A 666 -13.56 41.96 -6.27
C ILE A 666 -12.97 42.38 -7.61
N GLY A 667 -12.84 43.68 -7.83
CA GLY A 667 -12.41 44.22 -9.10
C GLY A 667 -13.38 45.26 -9.63
N ALA A 668 -12.89 46.04 -10.60
CA ALA A 668 -13.63 47.11 -11.26
C ALA A 668 -14.08 48.19 -10.27
N GLY A 669 -13.48 48.25 -9.10
CA GLY A 669 -13.75 49.33 -8.17
C GLY A 669 -15.06 49.24 -7.43
N ILE A 670 -15.72 48.08 -7.44
CA ILE A 670 -16.96 47.87 -6.71
C ILE A 670 -16.83 46.59 -5.90
N CYS A 671 -17.20 46.66 -4.63
CA CYS A 671 -17.03 45.54 -3.70
C CYS A 671 -18.32 45.36 -2.91
N ALA A 672 -18.57 44.12 -2.50
CA ALA A 672 -19.75 43.78 -1.73
C ALA A 672 -19.34 43.31 -0.34
N SER A 673 -20.22 43.56 0.63
CA SER A 673 -19.95 43.26 2.03
C SER A 673 -21.06 42.41 2.61
N TYR A 674 -20.72 41.70 3.69
CA TYR A 674 -21.71 40.89 4.38
C TYR A 674 -22.71 41.77 5.12
N GLN A 675 -23.98 41.38 5.04
CA GLN A 675 -25.04 42.08 5.75
C GLN A 675 -26.24 41.16 5.87
N THR A 676 -27.18 41.54 6.74
CA THR A 676 -28.40 40.76 6.96
C THR A 676 -29.21 40.62 5.68
N GLN B 1 30.93 -3.93 -5.16
CA GLN B 1 30.91 -3.93 -6.63
C GLN B 1 29.59 -3.42 -7.19
N VAL B 2 28.52 -3.50 -6.39
CA VAL B 2 27.30 -2.75 -6.69
C VAL B 2 27.19 -1.63 -5.66
N GLN B 3 27.39 -0.40 -6.10
CA GLN B 3 27.33 0.77 -5.24
C GLN B 3 26.20 1.67 -5.70
N LEU B 4 25.35 2.07 -4.75
CA LEU B 4 24.22 2.95 -5.03
C LEU B 4 24.32 4.17 -4.13
N GLN B 5 24.46 5.35 -4.74
CA GLN B 5 24.61 6.58 -4.00
C GLN B 5 23.49 7.54 -4.37
N GLN B 6 23.04 8.31 -3.39
CA GLN B 6 21.97 9.28 -3.56
C GLN B 6 22.45 10.64 -3.09
N SER B 7 21.74 11.67 -3.54
CA SER B 7 22.10 13.03 -3.16
C SER B 7 21.82 13.25 -1.68
N GLY B 8 22.40 14.32 -1.14
CA GLY B 8 22.26 14.64 0.25
C GLY B 8 20.84 14.99 0.63
N PRO B 9 20.54 14.96 1.93
CA PRO B 9 19.19 15.31 2.39
C PRO B 9 18.82 16.72 1.99
N GLU B 10 17.54 16.91 1.66
CA GLU B 10 17.04 18.15 1.09
C GLU B 10 15.96 18.74 1.97
N LEU B 11 16.00 20.05 2.15
CA LEU B 11 14.94 20.81 2.80
C LEU B 11 14.19 21.61 1.75
N VAL B 12 12.88 21.46 1.71
CA VAL B 12 12.05 22.14 0.73
C VAL B 12 10.80 22.69 1.41
N LYS B 13 10.34 23.84 0.93
CA LYS B 13 9.10 24.40 1.42
C LYS B 13 7.92 23.55 0.97
N PRO B 14 6.86 23.48 1.78
CA PRO B 14 5.71 22.66 1.40
C PRO B 14 5.06 23.15 0.10
N GLY B 15 4.59 22.19 -0.69
CA GLY B 15 3.94 22.49 -1.95
C GLY B 15 4.86 22.61 -3.15
N ALA B 16 6.18 22.61 -2.94
CA ALA B 16 7.11 22.76 -4.04
C ALA B 16 7.36 21.41 -4.72
N SER B 17 8.36 21.39 -5.59
CA SER B 17 8.75 20.19 -6.32
C SER B 17 10.22 19.90 -6.07
N VAL B 18 10.55 18.63 -5.92
CA VAL B 18 11.91 18.21 -5.58
C VAL B 18 12.32 17.05 -6.49
N LYS B 19 13.62 16.94 -6.71
CA LYS B 19 14.20 15.87 -7.51
C LYS B 19 15.29 15.18 -6.70
N ILE B 20 15.34 13.85 -6.77
CA ILE B 20 16.32 13.05 -6.06
C ILE B 20 17.11 12.24 -7.08
N SER B 21 18.43 12.28 -6.97
CA SER B 21 19.33 11.62 -7.91
C SER B 21 19.90 10.35 -7.29
N CYS B 22 19.81 9.24 -8.02
CA CYS B 22 20.37 7.97 -7.59
C CYS B 22 21.37 7.50 -8.64
N LYS B 23 22.55 7.07 -8.18
CA LYS B 23 23.64 6.66 -9.06
C LYS B 23 23.90 5.17 -8.88
N ALA B 24 24.12 4.48 -9.99
CA ALA B 24 24.38 3.04 -9.98
C ALA B 24 25.72 2.77 -10.65
N SER B 25 26.36 1.67 -10.25
CA SER B 25 27.66 1.30 -10.78
C SER B 25 27.86 -0.20 -10.65
N GLY B 26 28.81 -0.72 -11.42
CA GLY B 26 29.19 -2.11 -11.35
C GLY B 26 28.32 -3.07 -12.11
N TYR B 27 27.26 -2.58 -12.76
CA TYR B 27 26.39 -3.43 -13.56
C TYR B 27 25.74 -2.59 -14.64
N VAL B 28 25.27 -3.26 -15.69
CA VAL B 28 24.65 -2.56 -16.80
C VAL B 28 23.38 -1.88 -16.33
N PHE B 29 23.29 -0.57 -16.54
CA PHE B 29 22.14 0.19 -16.06
C PHE B 29 20.86 -0.26 -16.74
N SER B 30 20.90 -0.51 -18.04
CA SER B 30 19.69 -0.81 -18.80
C SER B 30 19.11 -2.17 -18.44
N THR B 31 19.98 -3.16 -18.23
CA THR B 31 19.50 -4.54 -18.10
C THR B 31 18.68 -4.74 -16.83
N SER B 32 18.97 -3.96 -15.79
CA SER B 32 18.35 -4.15 -14.49
C SER B 32 17.43 -2.98 -14.16
N TRP B 33 16.24 -3.29 -13.68
CA TRP B 33 15.30 -2.26 -13.23
C TRP B 33 15.84 -1.55 -12.00
N MET B 34 15.56 -0.25 -11.92
CA MET B 34 15.87 0.53 -10.74
C MET B 34 14.59 1.15 -10.23
N SER B 35 14.36 1.07 -8.92
CA SER B 35 13.09 1.42 -8.31
C SER B 35 13.28 2.48 -7.23
N TRP B 36 12.18 2.86 -6.59
CA TRP B 36 12.19 3.80 -5.48
C TRP B 36 11.31 3.26 -4.36
N VAL B 37 11.76 3.44 -3.12
CA VAL B 37 11.01 3.05 -1.94
C VAL B 37 11.04 4.20 -0.94
N LYS B 38 9.88 4.54 -0.39
CA LYS B 38 9.75 5.61 0.59
C LYS B 38 9.39 5.02 1.95
N GLN B 39 10.09 5.46 3.00
CA GLN B 39 9.87 4.97 4.34
C GLN B 39 9.56 6.12 5.27
N ARG B 40 8.41 6.05 5.93
CA ARG B 40 8.11 6.96 7.01
C ARG B 40 8.96 6.61 8.24
N PRO B 41 9.43 7.61 8.98
CA PRO B 41 10.22 7.31 10.18
C PRO B 41 9.35 6.57 11.20
N GLY B 42 9.95 5.56 11.84
CA GLY B 42 9.22 4.75 12.78
C GLY B 42 8.08 3.96 12.17
N GLU B 43 8.14 3.69 10.87
CA GLU B 43 7.06 3.01 10.18
C GLU B 43 7.62 2.31 8.95
N GLY B 44 7.00 1.20 8.59
CA GLY B 44 7.48 0.36 7.51
C GLY B 44 7.51 1.05 6.17
N PRO B 45 8.56 0.81 5.38
CA PRO B 45 8.68 1.47 4.08
C PRO B 45 7.62 0.98 3.12
N GLU B 46 7.48 1.69 2.01
CA GLU B 46 6.46 1.36 1.01
C GLU B 46 7.04 1.46 -0.39
N TRP B 47 6.61 0.54 -1.25
CA TRP B 47 7.01 0.57 -2.66
C TRP B 47 6.43 1.78 -3.36
N ILE B 48 7.20 2.34 -4.30
CA ILE B 48 6.78 3.50 -5.08
C ILE B 48 6.54 3.13 -6.54
N GLY B 49 7.58 2.66 -7.22
CA GLY B 49 7.48 2.36 -8.63
C GLY B 49 8.79 1.82 -9.14
N ARG B 50 8.82 1.52 -10.44
CA ARG B 50 10.02 1.02 -11.10
C ARG B 50 10.24 1.77 -12.39
N ILE B 51 11.49 1.83 -12.84
CA ILE B 51 11.83 2.38 -14.14
C ILE B 51 12.85 1.46 -14.80
N TYR B 52 12.72 1.28 -16.10
CA TYR B 52 13.58 0.39 -16.85
C TYR B 52 14.29 1.19 -17.95
N PRO B 53 15.58 1.49 -17.80
CA PRO B 53 16.17 2.63 -18.53
C PRO B 53 16.16 2.54 -20.05
N ARG B 54 16.30 1.34 -20.62
CA ARG B 54 16.59 1.26 -22.06
C ARG B 54 15.41 1.73 -22.92
N ASP B 55 14.19 1.67 -22.37
CA ASP B 55 13.05 2.22 -23.10
C ASP B 55 12.41 3.41 -22.39
N GLY B 56 12.85 3.73 -21.17
CA GLY B 56 12.30 4.85 -20.44
C GLY B 56 10.95 4.59 -19.80
N HIS B 57 10.43 3.37 -19.90
CA HIS B 57 9.14 3.05 -19.31
C HIS B 57 9.19 3.15 -17.79
N SER B 58 8.09 3.64 -17.21
CA SER B 58 7.96 3.75 -15.76
C SER B 58 6.55 3.34 -15.35
N SER B 59 6.46 2.49 -14.34
CA SER B 59 5.19 2.04 -13.78
C SER B 59 5.17 2.36 -12.29
N SER B 60 4.06 2.94 -11.82
CA SER B 60 3.93 3.32 -10.43
C SER B 60 2.48 3.15 -9.99
N THR B 61 2.30 3.11 -8.67
CA THR B 61 0.96 2.98 -8.12
C THR B 61 0.23 4.32 -8.17
N GLY B 62 -1.10 4.24 -8.05
CA GLY B 62 -1.92 5.44 -8.18
C GLY B 62 -1.67 6.44 -7.06
N LYS B 63 -1.30 5.96 -5.87
CA LYS B 63 -1.10 6.84 -4.74
C LYS B 63 0.01 7.85 -5.02
N PHE B 64 1.12 7.40 -5.61
CA PHE B 64 2.23 8.26 -5.97
C PHE B 64 2.31 8.53 -7.45
N LYS B 65 1.28 8.14 -8.21
CA LYS B 65 1.27 8.41 -9.64
C LYS B 65 1.36 9.90 -9.93
N ASP B 66 0.57 10.69 -9.21
CA ASP B 66 0.65 12.14 -9.37
C ASP B 66 1.90 12.70 -8.72
N LYS B 67 2.32 12.11 -7.59
CA LYS B 67 3.44 12.67 -6.84
C LYS B 67 4.78 12.40 -7.55
N ALA B 68 5.00 11.19 -8.03
CA ALA B 68 6.32 10.75 -8.44
C ALA B 68 6.35 10.45 -9.93
N THR B 69 7.37 10.96 -10.61
CA THR B 69 7.65 10.66 -12.01
C THR B 69 9.08 10.15 -12.12
N LEU B 70 9.24 8.97 -12.72
CA LEU B 70 10.54 8.32 -12.81
C LEU B 70 11.20 8.68 -14.14
N THR B 71 12.42 9.20 -14.07
CA THR B 71 13.22 9.50 -15.24
C THR B 71 14.60 8.89 -15.07
N ALA B 72 15.06 8.13 -16.06
CA ALA B 72 16.35 7.46 -16.03
C ALA B 72 17.21 7.93 -17.18
N ASP B 73 18.42 8.38 -16.89
CA ASP B 73 19.38 8.80 -17.89
C ASP B 73 20.38 7.68 -18.12
N LYS B 74 20.34 7.08 -19.32
CA LYS B 74 21.22 5.96 -19.62
C LYS B 74 22.68 6.41 -19.72
N SER B 75 22.91 7.69 -20.02
CA SER B 75 24.28 8.16 -20.23
C SER B 75 25.11 8.07 -18.95
N SER B 76 24.58 8.61 -17.86
CA SER B 76 25.31 8.63 -16.59
C SER B 76 24.85 7.55 -15.62
N ASN B 77 23.95 6.66 -16.04
CA ASN B 77 23.39 5.63 -15.18
C ASN B 77 22.76 6.25 -13.92
N THR B 78 22.20 7.44 -14.07
CA THR B 78 21.64 8.19 -12.97
C THR B 78 20.17 8.47 -13.26
N ALA B 79 19.29 7.88 -12.44
CA ALA B 79 17.86 8.04 -12.61
C ALA B 79 17.33 8.99 -11.55
N TYR B 80 16.61 10.01 -11.97
CA TYR B 80 16.10 11.06 -11.10
C TYR B 80 14.60 10.83 -10.88
N ILE B 81 14.18 10.85 -9.62
CA ILE B 81 12.77 10.83 -9.26
C ILE B 81 12.34 12.25 -8.94
N HIS B 82 11.22 12.66 -9.53
CA HIS B 82 10.69 14.01 -9.34
C HIS B 82 9.42 13.95 -8.52
N LEU B 83 9.40 14.66 -7.40
CA LEU B 83 8.24 14.76 -6.54
C LEU B 83 7.73 16.19 -6.58
N SER B 84 6.41 16.34 -6.56
CA SER B 84 5.77 17.65 -6.66
C SER B 84 4.69 17.78 -5.61
N SER B 85 4.31 19.03 -5.33
CA SER B 85 3.30 19.34 -4.33
C SER B 85 3.67 18.75 -2.96
N LEU B 86 4.87 19.08 -2.52
CA LEU B 86 5.40 18.48 -1.30
C LEU B 86 4.57 18.90 -0.09
N THR B 87 4.26 17.92 0.76
CA THR B 87 3.54 18.14 1.99
C THR B 87 4.36 17.63 3.17
N SER B 88 3.94 18.00 4.37
CA SER B 88 4.59 17.48 5.57
C SER B 88 4.50 15.96 5.63
N GLU B 89 3.38 15.41 5.16
CA GLU B 89 3.24 13.95 5.12
C GLU B 89 4.26 13.33 4.17
N ASP B 90 4.60 14.05 3.09
CA ASP B 90 5.57 13.51 2.13
C ASP B 90 6.96 13.41 2.72
N SER B 91 7.31 14.32 3.63
CA SER B 91 8.65 14.37 4.18
C SER B 91 9.00 13.07 4.89
N ALA B 92 9.95 12.33 4.32
CA ALA B 92 10.37 11.04 4.85
C ALA B 92 11.70 10.68 4.20
N VAL B 93 12.13 9.44 4.42
CA VAL B 93 13.37 8.93 3.85
C VAL B 93 13.04 8.14 2.58
N TYR B 94 13.86 8.33 1.55
CA TYR B 94 13.65 7.69 0.26
C TYR B 94 14.89 6.88 -0.13
N PHE B 95 14.67 5.70 -0.68
CA PHE B 95 15.72 4.80 -1.09
C PHE B 95 15.57 4.44 -2.56
N CYS B 96 16.69 4.24 -3.24
CA CYS B 96 16.70 3.67 -4.58
C CYS B 96 17.35 2.30 -4.52
N ALA B 97 16.72 1.31 -5.15
CA ALA B 97 17.16 -0.07 -5.04
C ALA B 97 17.16 -0.73 -6.41
N ARG B 98 18.19 -1.53 -6.67
CA ARG B 98 18.27 -2.27 -7.92
C ARG B 98 17.24 -3.39 -7.95
N ASP B 99 16.65 -3.62 -9.11
CA ASP B 99 15.66 -4.66 -9.31
C ASP B 99 16.03 -5.48 -10.54
N TYR B 100 16.03 -6.80 -10.39
CA TYR B 100 16.14 -7.69 -11.54
C TYR B 100 14.79 -7.99 -12.17
N GLY B 101 13.79 -7.13 -11.93
CA GLY B 101 12.49 -7.28 -12.53
C GLY B 101 11.49 -8.06 -11.72
N TYR B 102 11.89 -8.61 -10.57
CA TYR B 102 11.01 -9.45 -9.78
C TYR B 102 10.43 -8.73 -8.58
N TYR B 103 10.71 -7.44 -8.45
CA TYR B 103 10.25 -6.55 -7.38
C TYR B 103 10.82 -6.95 -6.03
N TYR B 104 11.86 -7.77 -5.98
CA TYR B 104 12.63 -7.99 -4.77
C TYR B 104 14.00 -7.35 -4.96
N PHE B 105 14.54 -6.78 -3.90
CA PHE B 105 15.61 -5.79 -4.01
C PHE B 105 16.85 -6.32 -3.28
N ASP B 106 17.92 -6.57 -4.03
CA ASP B 106 19.12 -7.15 -3.44
C ASP B 106 20.06 -6.09 -2.91
N TYR B 107 20.15 -4.94 -3.59
CA TYR B 107 21.02 -3.85 -3.17
C TYR B 107 20.17 -2.62 -2.88
N TRP B 108 20.67 -1.78 -1.99
CA TRP B 108 19.96 -0.58 -1.56
C TRP B 108 20.95 0.56 -1.37
N GLY B 109 20.55 1.75 -1.84
CA GLY B 109 21.34 2.94 -1.59
C GLY B 109 21.26 3.36 -0.14
N GLN B 110 22.16 4.26 0.24
CA GLN B 110 22.19 4.71 1.63
C GLN B 110 20.92 5.47 1.99
N GLY B 111 20.23 6.00 0.99
CA GLY B 111 18.98 6.66 1.24
C GLY B 111 19.17 8.16 1.49
N THR B 112 18.12 8.91 1.20
CA THR B 112 18.11 10.36 1.41
C THR B 112 16.87 10.73 2.21
N THR B 113 17.06 11.52 3.26
CA THR B 113 15.96 11.98 4.09
C THR B 113 15.40 13.28 3.49
N LEU B 114 14.10 13.29 3.24
CA LEU B 114 13.43 14.45 2.68
C LEU B 114 12.64 15.15 3.78
N THR B 115 12.90 16.44 3.96
CA THR B 115 12.29 17.23 5.03
C THR B 115 11.47 18.35 4.41
N VAL B 116 10.21 18.44 4.82
CA VAL B 116 9.27 19.43 4.31
C VAL B 116 8.77 20.26 5.49
N SER B 117 9.13 21.54 5.50
CA SER B 117 8.68 22.44 6.55
C SER B 117 8.86 23.88 6.08
N SER B 118 8.17 24.79 6.75
CA SER B 118 8.22 26.20 6.36
C SER B 118 9.54 26.84 6.76
N ALA B 119 10.03 26.57 7.96
CA ALA B 119 11.23 27.24 8.46
C ALA B 119 12.45 26.77 7.71
N SER B 120 13.57 27.46 7.93
CA SER B 120 14.81 27.16 7.23
C SER B 120 15.83 26.53 8.18
N THR B 121 16.99 26.21 7.62
CA THR B 121 18.06 25.60 8.40
C THR B 121 18.58 26.56 9.46
N LYS B 122 18.81 26.04 10.66
CA LYS B 122 19.39 26.82 11.75
C LYS B 122 20.78 26.28 12.08
N GLY B 123 21.73 27.19 12.23
CA GLY B 123 23.10 26.84 12.56
C GLY B 123 23.21 26.14 13.90
N PRO B 124 24.09 25.16 13.98
CA PRO B 124 24.28 24.44 15.25
C PRO B 124 24.83 25.34 16.33
N SER B 125 24.44 25.05 17.57
CA SER B 125 25.04 25.63 18.76
C SER B 125 25.65 24.50 19.57
N VAL B 126 26.95 24.55 19.79
CA VAL B 126 27.71 23.43 20.34
C VAL B 126 28.18 23.80 21.73
N PHE B 127 27.91 22.93 22.70
CA PHE B 127 28.36 23.12 24.07
C PHE B 127 29.10 21.88 24.53
N PRO B 128 30.39 21.96 24.80
CA PRO B 128 31.12 20.78 25.28
C PRO B 128 30.62 20.33 26.64
N LEU B 129 30.67 19.02 26.87
CA LEU B 129 30.20 18.43 28.12
C LEU B 129 31.42 18.05 28.95
N ALA B 130 31.78 18.91 29.89
CA ALA B 130 33.00 18.72 30.66
C ALA B 130 32.86 17.51 31.59
N PRO B 131 33.87 16.65 31.66
CA PRO B 131 33.85 15.56 32.66
C PRO B 131 33.84 16.14 34.06
N SER B 132 33.05 15.50 34.94
CA SER B 132 32.98 15.95 36.31
C SER B 132 34.28 15.63 37.05
N SER B 133 34.70 16.55 37.91
CA SER B 133 35.91 16.34 38.71
C SER B 133 35.62 15.28 39.77
N LYS B 134 35.99 14.04 39.47
CA LYS B 134 35.70 12.93 40.36
C LYS B 134 36.96 12.07 40.49
N SER B 135 36.93 11.17 41.47
CA SER B 135 37.99 10.17 41.59
C SER B 135 37.97 9.22 40.40
N THR B 136 36.81 9.07 39.75
CA THR B 136 36.67 8.26 38.54
C THR B 136 37.10 6.81 38.80
N SER B 137 36.36 6.13 39.67
CA SER B 137 36.69 4.75 40.01
C SER B 137 36.61 3.86 38.77
N GLY B 138 37.53 2.89 38.70
CA GLY B 138 37.59 2.00 37.56
C GLY B 138 38.30 2.57 36.35
N GLY B 139 38.94 3.72 36.47
CA GLY B 139 39.58 4.35 35.33
C GLY B 139 38.60 4.71 34.24
N THR B 140 37.37 5.05 34.61
CA THR B 140 36.30 5.34 33.67
C THR B 140 35.99 6.83 33.71
N ALA B 141 36.11 7.49 32.56
CA ALA B 141 35.82 8.91 32.44
C ALA B 141 34.78 9.11 31.35
N ALA B 142 33.89 10.07 31.57
CA ALA B 142 32.80 10.35 30.65
C ALA B 142 32.92 11.78 30.15
N LEU B 143 32.79 11.97 28.84
CA LEU B 143 32.84 13.28 28.23
C LEU B 143 32.08 13.26 26.92
N GLY B 144 31.63 14.43 26.49
CA GLY B 144 30.89 14.56 25.26
C GLY B 144 30.72 16.01 24.86
N CYS B 145 29.89 16.22 23.84
CA CYS B 145 29.54 17.55 23.38
C CYS B 145 28.04 17.61 23.11
N LEU B 146 27.46 18.80 23.26
CA LEU B 146 26.04 19.01 23.08
C LEU B 146 25.79 19.95 21.90
N VAL B 147 24.96 19.51 20.97
CA VAL B 147 24.53 20.33 19.85
C VAL B 147 23.11 20.79 20.15
N LYS B 148 22.90 22.10 20.12
CA LYS B 148 21.66 22.65 20.66
C LYS B 148 20.54 22.66 19.61
N ASP B 149 20.82 23.14 18.40
CA ASP B 149 19.76 23.41 17.46
C ASP B 149 20.11 22.88 16.07
N TYR B 150 19.28 21.94 15.58
CA TYR B 150 19.24 21.47 14.20
C TYR B 150 17.80 21.60 13.71
N PHE B 151 17.61 22.39 12.66
CA PHE B 151 16.35 22.28 11.92
C PHE B 151 16.37 21.10 10.96
N PRO B 152 17.36 20.94 10.07
CA PRO B 152 17.43 19.72 9.28
C PRO B 152 17.87 18.54 10.14
N GLU B 153 17.46 17.35 9.72
CA GLU B 153 17.84 16.13 10.43
C GLU B 153 19.33 15.81 10.40
N PRO B 154 20.05 15.91 9.29
CA PRO B 154 21.40 15.32 9.22
C PRO B 154 22.35 15.88 10.27
N VAL B 155 23.17 14.99 10.84
CA VAL B 155 24.15 15.34 11.85
C VAL B 155 25.48 14.72 11.47
N THR B 156 26.56 15.46 11.68
CA THR B 156 27.92 14.95 11.50
C THR B 156 28.64 15.04 12.83
N VAL B 157 29.02 13.89 13.38
CA VAL B 157 29.70 13.81 14.68
C VAL B 157 31.03 13.12 14.48
N SER B 158 32.11 13.78 14.90
CA SER B 158 33.45 13.22 14.80
C SER B 158 34.21 13.47 16.09
N TRP B 159 35.14 12.56 16.38
CA TRP B 159 35.94 12.60 17.61
C TRP B 159 37.40 12.67 17.23
N ASN B 160 38.03 13.82 17.55
CA ASN B 160 39.43 14.05 17.20
C ASN B 160 39.68 13.76 15.72
N SER B 161 38.94 14.46 14.86
CA SER B 161 38.93 14.21 13.42
C SER B 161 38.53 12.78 13.10
N GLY B 162 37.64 12.21 13.92
CA GLY B 162 37.18 10.85 13.72
C GLY B 162 38.15 9.78 14.15
N ALA B 163 39.28 10.15 14.76
CA ALA B 163 40.28 9.15 15.12
C ALA B 163 39.76 8.18 16.19
N LEU B 164 39.10 8.71 17.22
CA LEU B 164 38.63 7.90 18.34
C LEU B 164 37.31 7.24 17.94
N THR B 165 37.28 5.91 17.97
CA THR B 165 36.10 5.14 17.61
C THR B 165 35.68 4.14 18.66
N SER B 166 36.32 4.13 19.83
CA SER B 166 35.99 3.18 20.89
C SER B 166 35.15 3.88 21.96
N GLY B 167 34.06 3.23 22.36
CA GLY B 167 33.20 3.81 23.36
C GLY B 167 32.43 5.03 22.90
N VAL B 168 32.31 5.23 21.60
CA VAL B 168 31.61 6.39 21.05
C VAL B 168 30.12 6.11 21.08
N HIS B 169 29.35 7.05 21.61
CA HIS B 169 27.89 6.97 21.62
C HIS B 169 27.32 8.32 21.23
N THR B 170 26.51 8.33 20.17
CA THR B 170 25.85 9.53 19.69
C THR B 170 24.35 9.31 19.75
N PHE B 171 23.71 9.92 20.72
CA PHE B 171 22.27 9.76 20.88
C PHE B 171 21.54 10.45 19.74
N PRO B 172 20.45 9.87 19.25
CA PRO B 172 19.69 10.50 18.16
C PRO B 172 19.16 11.87 18.60
N ALA B 173 19.15 12.80 17.65
CA ALA B 173 18.61 14.13 17.94
C ALA B 173 17.13 14.03 18.28
N VAL B 174 16.69 14.90 19.18
CA VAL B 174 15.32 14.87 19.69
C VAL B 174 14.64 16.17 19.30
N LEU B 175 13.44 16.06 18.74
CA LEU B 175 12.64 17.23 18.41
C LEU B 175 12.28 17.98 19.70
N GLN B 176 12.48 19.30 19.68
CA GLN B 176 12.16 20.12 20.83
C GLN B 176 10.85 20.88 20.60
N SER B 177 10.45 21.65 21.62
CA SER B 177 9.23 22.43 21.53
C SER B 177 9.33 23.47 20.42
N SER B 178 10.47 24.13 20.29
CA SER B 178 10.66 25.10 19.22
C SER B 178 10.76 24.41 17.86
N GLY B 179 10.88 23.09 17.85
CA GLY B 179 11.09 22.34 16.64
C GLY B 179 12.54 22.10 16.30
N LEU B 180 13.46 22.82 16.94
CA LEU B 180 14.88 22.62 16.71
C LEU B 180 15.33 21.30 17.33
N TYR B 181 16.19 20.60 16.60
CA TYR B 181 16.66 19.28 17.02
C TYR B 181 17.97 19.41 17.78
N SER B 182 17.97 18.98 19.03
CA SER B 182 19.15 19.00 19.89
C SER B 182 19.72 17.61 19.97
N LEU B 183 21.04 17.50 19.84
CA LEU B 183 21.73 16.22 19.87
C LEU B 183 22.96 16.33 20.75
N SER B 184 23.22 15.28 21.52
CA SER B 184 24.41 15.19 22.36
C SER B 184 25.07 13.84 22.12
N SER B 185 26.39 13.85 21.93
CA SER B 185 27.17 12.66 21.70
C SER B 185 28.29 12.59 22.72
N VAL B 186 28.61 11.39 23.18
CA VAL B 186 29.58 11.19 24.24
C VAL B 186 30.51 10.04 23.87
N VAL B 187 31.60 9.92 24.62
CA VAL B 187 32.56 8.84 24.47
C VAL B 187 33.17 8.55 25.83
N THR B 188 33.48 7.29 26.10
CA THR B 188 34.11 6.92 27.36
C THR B 188 35.61 6.78 27.18
N VAL B 189 36.38 7.36 28.10
CA VAL B 189 37.84 7.35 28.00
C VAL B 189 38.44 6.97 29.34
N PRO B 190 39.68 6.49 29.33
CA PRO B 190 40.39 6.25 30.60
C PRO B 190 40.57 7.55 31.37
N SER B 191 40.55 7.43 32.70
CA SER B 191 40.73 8.61 33.55
C SER B 191 42.10 9.24 33.36
N SER B 192 43.14 8.42 33.27
CA SER B 192 44.48 8.96 33.04
C SER B 192 44.59 9.60 31.67
N SER B 193 43.79 9.15 30.72
CA SER B 193 43.83 9.67 29.36
C SER B 193 43.31 11.10 29.27
N LEU B 194 42.69 11.62 30.33
CA LEU B 194 42.09 12.96 30.26
C LEU B 194 43.15 14.03 30.02
N GLY B 195 44.05 14.23 30.99
CA GLY B 195 45.01 15.31 30.86
C GLY B 195 46.09 15.02 29.84
N THR B 196 46.32 13.74 29.55
CA THR B 196 47.39 13.38 28.63
C THR B 196 47.05 13.72 27.19
N GLN B 197 45.82 13.42 26.76
CA GLN B 197 45.44 13.52 25.36
C GLN B 197 44.37 14.60 25.20
N THR B 198 44.47 15.37 24.12
CA THR B 198 43.48 16.41 23.85
C THR B 198 42.31 15.84 23.05
N TYR B 199 41.11 15.95 23.61
CA TYR B 199 39.91 15.41 23.00
C TYR B 199 39.12 16.53 22.33
N ILE B 200 38.82 16.34 21.05
CA ILE B 200 38.12 17.33 20.24
C ILE B 200 36.87 16.68 19.67
N CYS B 201 35.72 17.32 19.85
CA CYS B 201 34.50 16.91 19.18
C CYS B 201 34.32 17.72 17.92
N ASN B 202 34.15 17.05 16.79
CA ASN B 202 34.08 17.68 15.48
C ASN B 202 32.67 17.52 14.96
N VAL B 203 31.97 18.63 14.78
CA VAL B 203 30.57 18.62 14.35
C VAL B 203 30.47 19.39 13.04
N ASN B 204 29.62 18.90 12.14
CA ASN B 204 29.34 19.55 10.88
C ASN B 204 27.85 19.46 10.61
N HIS B 205 27.30 20.50 9.99
CA HIS B 205 25.90 20.53 9.59
C HIS B 205 25.85 20.96 8.13
N LYS B 206 25.72 19.97 7.24
CA LYS B 206 25.82 20.24 5.81
C LYS B 206 24.78 21.23 5.31
N PRO B 207 23.49 21.13 5.66
CA PRO B 207 22.54 22.16 5.20
C PRO B 207 22.92 23.56 5.63
N SER B 208 23.45 23.71 6.86
CA SER B 208 23.94 25.01 7.27
C SER B 208 25.35 25.26 6.75
N ASN B 209 26.03 24.21 6.29
CA ASN B 209 27.42 24.30 5.84
C ASN B 209 28.32 24.90 6.90
N THR B 210 28.11 24.50 8.15
CA THR B 210 28.89 25.00 9.29
C THR B 210 29.68 23.85 9.90
N LYS B 211 30.99 24.01 9.97
CA LYS B 211 31.89 23.02 10.56
C LYS B 211 32.50 23.61 11.82
N VAL B 212 32.26 22.96 12.95
CA VAL B 212 32.75 23.43 14.25
C VAL B 212 33.45 22.28 14.96
N ASP B 213 34.66 22.55 15.44
CA ASP B 213 35.42 21.62 16.27
C ASP B 213 35.66 22.26 17.62
N LYS B 214 35.34 21.54 18.69
CA LYS B 214 35.39 22.07 20.05
C LYS B 214 36.32 21.23 20.90
N ARG B 215 37.14 21.91 21.70
CA ARG B 215 37.99 21.23 22.67
C ARG B 215 37.24 21.05 23.99
N VAL B 216 37.39 19.88 24.58
CA VAL B 216 36.70 19.51 25.80
C VAL B 216 37.71 19.07 26.84
N GLU B 217 37.54 19.54 28.07
CA GLU B 217 38.43 19.26 29.18
C GLU B 217 37.73 19.67 30.47
N PRO B 218 37.87 18.92 31.55
CA PRO B 218 37.17 19.26 32.79
C PRO B 218 37.49 20.66 33.27
N LYS B 219 36.46 21.36 33.75
CA LYS B 219 36.61 22.76 34.11
C LYS B 219 37.52 22.93 35.31
N SER B 220 38.35 23.98 35.26
CA SER B 220 39.26 24.33 36.35
C SER B 220 40.17 23.16 36.72
N ASP C 1 -5.83 -2.62 0.38
CA ASP C 1 -5.17 -3.48 -0.58
C ASP C 1 -4.61 -4.69 0.17
N ILE C 2 -3.36 -5.07 -0.11
CA ILE C 2 -2.78 -6.24 0.53
C ILE C 2 -2.45 -5.93 1.98
N GLN C 3 -2.82 -6.84 2.88
CA GLN C 3 -2.62 -6.68 4.31
C GLN C 3 -1.46 -7.54 4.81
N MET C 4 -0.52 -6.88 5.49
CA MET C 4 0.62 -7.55 6.13
C MET C 4 0.34 -7.73 7.62
N THR C 5 0.50 -8.96 8.10
CA THR C 5 0.40 -9.26 9.53
C THR C 5 1.64 -10.03 9.94
N GLN C 6 2.31 -9.54 10.99
CA GLN C 6 3.53 -10.14 11.50
C GLN C 6 3.36 -10.48 12.96
N SER C 7 3.73 -11.70 13.34
CA SER C 7 3.63 -12.14 14.72
C SER C 7 4.90 -12.89 15.12
N PRO C 8 5.50 -12.54 16.26
CA PRO C 8 5.08 -11.43 17.12
C PRO C 8 5.57 -10.09 16.61
N ALA C 9 4.88 -9.01 17.01
CA ALA C 9 5.34 -7.68 16.65
C ALA C 9 6.69 -7.37 17.27
N SER C 10 6.88 -7.73 18.54
CA SER C 10 8.14 -7.52 19.24
C SER C 10 8.59 -8.84 19.83
N LEU C 11 9.89 -9.14 19.70
CA LEU C 11 10.45 -10.38 20.22
C LEU C 11 11.86 -10.12 20.72
N SER C 12 12.23 -10.76 21.81
CA SER C 12 13.58 -10.67 22.36
C SER C 12 14.06 -12.06 22.74
N ALA C 13 15.33 -12.35 22.48
CA ALA C 13 15.91 -13.65 22.78
C ALA C 13 17.41 -13.48 22.99
N SER C 14 18.01 -14.47 23.65
CA SER C 14 19.43 -14.43 23.94
C SER C 14 20.24 -15.03 22.79
N VAL C 15 21.55 -14.83 22.86
CA VAL C 15 22.44 -15.31 21.80
C VAL C 15 22.37 -16.83 21.72
N GLY C 16 22.32 -17.34 20.49
CA GLY C 16 22.28 -18.76 20.25
C GLY C 16 20.91 -19.40 20.32
N GLU C 17 19.87 -18.63 20.59
CA GLU C 17 18.52 -19.17 20.66
C GLU C 17 17.89 -19.23 19.28
N ALA C 18 16.77 -19.92 19.19
CA ALA C 18 16.02 -20.06 17.95
C ALA C 18 14.86 -19.09 17.93
N VAL C 19 14.76 -18.31 16.86
CA VAL C 19 13.73 -17.29 16.72
C VAL C 19 13.00 -17.52 15.40
N THR C 20 11.68 -17.49 15.45
CA THR C 20 10.83 -17.63 14.27
C THR C 20 9.87 -16.45 14.20
N ILE C 21 9.79 -15.82 13.03
CA ILE C 21 8.89 -14.70 12.78
C ILE C 21 7.91 -15.13 11.69
N THR C 22 6.62 -14.98 11.97
CA THR C 22 5.57 -15.44 11.08
C THR C 22 5.00 -14.25 10.32
N CYS C 23 4.67 -14.46 9.06
CA CYS C 23 4.04 -13.46 8.21
C CYS C 23 2.74 -14.02 7.65
N ARG C 24 1.68 -13.21 7.67
CA ARG C 24 0.39 -13.60 7.14
C ARG C 24 -0.11 -12.57 6.16
N LEU C 25 -0.68 -13.04 5.05
CA LEU C 25 -1.14 -12.20 3.96
C LEU C 25 -2.63 -12.44 3.75
N SER C 26 -3.33 -11.40 3.31
CA SER C 26 -4.75 -11.57 3.00
C SER C 26 -4.94 -12.62 1.92
N GLU C 27 -4.37 -12.39 0.74
CA GLU C 27 -4.52 -13.30 -0.38
C GLU C 27 -3.53 -14.46 -0.25
N ASN C 28 -3.63 -15.40 -1.17
CA ASN C 28 -2.65 -16.45 -1.29
C ASN C 28 -1.60 -16.05 -2.32
N VAL C 29 -0.40 -15.73 -1.86
CA VAL C 29 0.77 -15.61 -2.71
C VAL C 29 1.54 -16.91 -2.57
N TYR C 30 1.87 -17.53 -3.70
CA TYR C 30 2.33 -18.91 -3.66
C TYR C 30 3.71 -19.02 -3.04
N SER C 31 4.72 -18.38 -3.65
CA SER C 31 6.04 -18.41 -3.05
C SER C 31 6.81 -17.10 -3.22
N PHE C 32 6.15 -16.02 -3.63
CA PHE C 32 6.85 -14.79 -3.97
C PHE C 32 6.81 -13.81 -2.79
N LEU C 33 7.64 -14.09 -1.80
CA LEU C 33 7.83 -13.21 -0.66
C LEU C 33 9.33 -13.06 -0.40
N ALA C 34 9.72 -11.92 0.16
CA ALA C 34 11.12 -11.63 0.44
C ALA C 34 11.27 -11.11 1.86
N TRP C 35 12.29 -11.60 2.57
CA TRP C 35 12.57 -11.20 3.93
C TRP C 35 13.70 -10.18 3.94
N TYR C 36 13.53 -9.10 4.70
CA TYR C 36 14.51 -8.03 4.78
C TYR C 36 14.87 -7.75 6.23
N GLN C 37 16.15 -7.54 6.49
CA GLN C 37 16.64 -7.12 7.79
C GLN C 37 16.92 -5.63 7.72
N GLN C 38 16.51 -4.90 8.75
CA GLN C 38 16.72 -3.46 8.80
C GLN C 38 17.29 -3.09 10.17
N LYS C 39 18.31 -2.24 10.15
CA LYS C 39 18.85 -1.63 11.36
C LYS C 39 18.58 -0.14 11.32
N GLN C 40 18.54 0.47 12.51
CA GLN C 40 18.20 1.88 12.61
C GLN C 40 19.18 2.73 11.82
N GLY C 41 18.64 3.62 10.98
CA GLY C 41 19.44 4.51 10.18
C GLY C 41 20.13 3.87 9.00
N LYS C 42 19.84 2.60 8.70
CA LYS C 42 20.50 1.86 7.65
C LYS C 42 19.51 1.55 6.54
N SER C 43 20.03 1.12 5.39
CA SER C 43 19.17 0.64 4.33
C SER C 43 18.79 -0.82 4.60
N PRO C 44 17.65 -1.29 4.11
CA PRO C 44 17.31 -2.71 4.28
C PRO C 44 18.26 -3.57 3.47
N GLN C 45 18.44 -4.81 3.94
CA GLN C 45 19.24 -5.79 3.22
C GLN C 45 18.40 -7.01 2.94
N LEU C 46 18.52 -7.54 1.72
CA LEU C 46 17.75 -8.72 1.34
C LEU C 46 18.32 -9.95 2.04
N LEU C 47 17.44 -10.78 2.59
CA LEU C 47 17.84 -11.98 3.29
C LEU C 47 17.39 -13.25 2.58
N VAL C 48 16.09 -13.43 2.41
CA VAL C 48 15.54 -14.59 1.73
C VAL C 48 14.47 -14.11 0.76
N TYR C 49 14.61 -14.44 -0.52
CA TYR C 49 13.54 -14.27 -1.47
C TYR C 49 13.02 -15.64 -1.86
N ARG C 50 11.89 -15.66 -2.54
CA ARG C 50 11.12 -16.88 -2.76
C ARG C 50 10.76 -17.41 -1.37
N ALA C 51 10.97 -18.70 -1.07
CA ALA C 51 10.71 -19.23 0.25
C ALA C 51 11.97 -19.77 0.90
N LYS C 52 12.72 -20.62 0.20
CA LYS C 52 13.90 -21.27 0.76
C LYS C 52 15.20 -20.66 0.23
N THR C 53 15.11 -19.70 -0.69
CA THR C 53 16.28 -19.22 -1.43
C THR C 53 16.97 -18.14 -0.62
N LEU C 54 18.13 -18.47 -0.07
CA LEU C 54 18.94 -17.51 0.64
C LEU C 54 19.53 -16.49 -0.34
N ALA C 55 19.66 -15.24 0.12
CA ALA C 55 20.25 -14.21 -0.72
C ALA C 55 21.77 -14.34 -0.74
N GLU C 56 22.40 -13.58 -1.64
CA GLU C 56 23.84 -13.60 -1.77
C GLU C 56 24.50 -12.97 -0.54
N GLY C 57 25.58 -13.60 -0.08
CA GLY C 57 26.31 -13.07 1.06
C GLY C 57 25.51 -13.02 2.35
N VAL C 58 24.78 -14.09 2.65
CA VAL C 58 23.94 -14.18 3.84
C VAL C 58 24.46 -15.33 4.69
N PRO C 59 24.61 -15.16 6.00
CA PRO C 59 25.05 -16.28 6.84
C PRO C 59 24.09 -17.45 6.76
N SER C 60 24.66 -18.66 6.82
CA SER C 60 23.85 -19.87 6.74
C SER C 60 22.90 -20.03 7.91
N ARG C 61 23.09 -19.24 8.98
CA ARG C 61 22.18 -19.30 10.11
C ARG C 61 20.75 -18.95 9.69
N PHE C 62 20.60 -17.98 8.78
CA PHE C 62 19.28 -17.54 8.39
C PHE C 62 18.60 -18.59 7.52
N SER C 63 17.30 -18.75 7.72
CA SER C 63 16.51 -19.73 6.97
C SER C 63 15.10 -19.22 6.77
N GLY C 64 14.55 -19.49 5.59
CA GLY C 64 13.19 -19.12 5.27
C GLY C 64 12.34 -20.37 5.05
N SER C 65 11.05 -20.25 5.34
CA SER C 65 10.15 -21.40 5.24
C SER C 65 8.72 -20.90 5.13
N GLY C 66 7.83 -21.82 4.80
CA GLY C 66 6.42 -21.53 4.69
C GLY C 66 5.95 -21.47 3.24
N SER C 67 4.65 -21.59 3.07
CA SER C 67 4.05 -21.54 1.74
C SER C 67 2.66 -20.89 1.85
N GLY C 68 2.26 -20.25 0.77
CA GLY C 68 0.95 -19.63 0.73
C GLY C 68 0.81 -18.52 1.75
N THR C 69 -0.28 -18.59 2.52
CA THR C 69 -0.58 -17.52 3.48
C THR C 69 0.46 -17.46 4.60
N GLN C 70 0.95 -18.61 5.04
CA GLN C 70 1.87 -18.68 6.16
C GLN C 70 3.30 -18.65 5.63
N PHE C 71 4.11 -17.74 6.16
CA PHE C 71 5.52 -17.63 5.80
C PHE C 71 6.33 -17.40 7.06
N SER C 72 7.33 -18.25 7.27
CA SER C 72 8.11 -18.25 8.50
C SER C 72 9.57 -17.97 8.19
N LEU C 73 10.15 -17.00 8.90
CA LEU C 73 11.58 -16.75 8.88
C LEU C 73 12.17 -17.28 10.18
N LYS C 74 13.10 -18.21 10.08
CA LYS C 74 13.66 -18.89 11.24
C LYS C 74 15.15 -18.60 11.34
N ILE C 75 15.60 -18.23 12.52
CA ILE C 75 17.02 -18.05 12.83
C ILE C 75 17.43 -19.18 13.76
N ASN C 76 18.27 -20.09 13.25
CA ASN C 76 18.67 -21.23 14.08
C ASN C 76 19.55 -20.79 15.24
N SER C 77 20.46 -19.85 15.01
CA SER C 77 21.36 -19.36 16.05
C SER C 77 21.39 -17.85 16.01
N LEU C 78 21.03 -17.23 17.13
CA LEU C 78 21.05 -15.78 17.23
C LEU C 78 22.47 -15.28 17.45
N GLN C 79 22.76 -14.11 16.89
CA GLN C 79 24.06 -13.48 16.98
C GLN C 79 23.87 -12.06 17.46
N PRO C 80 24.89 -11.47 18.11
CA PRO C 80 24.73 -10.08 18.58
C PRO C 80 24.46 -9.09 17.48
N GLU C 81 25.02 -9.31 16.28
CA GLU C 81 24.80 -8.39 15.18
C GLU C 81 23.45 -8.59 14.50
N ASP C 82 22.72 -9.65 14.85
CA ASP C 82 21.44 -9.92 14.22
C ASP C 82 20.33 -8.98 14.68
N PHE C 83 20.62 -8.12 15.66
CA PHE C 83 19.63 -7.16 16.15
C PHE C 83 19.14 -6.26 15.03
N GLY C 84 17.87 -5.87 15.11
CA GLY C 84 17.31 -4.97 14.13
C GLY C 84 15.83 -5.22 13.97
N THR C 85 15.31 -4.74 12.85
CA THR C 85 13.90 -4.89 12.49
C THR C 85 13.80 -5.78 11.26
N TYR C 86 12.84 -6.69 11.28
CA TYR C 86 12.65 -7.66 10.21
C TYR C 86 11.30 -7.43 9.53
N TYR C 87 11.30 -7.41 8.20
CA TYR C 87 10.10 -7.18 7.42
C TYR C 87 9.86 -8.36 6.50
N CYS C 88 8.59 -8.70 6.29
CA CYS C 88 8.17 -9.68 5.31
C CYS C 88 7.45 -8.95 4.19
N GLN C 89 7.87 -9.20 2.95
CA GLN C 89 7.35 -8.50 1.79
C GLN C 89 7.11 -9.47 0.65
N HIS C 90 5.88 -9.46 0.12
CA HIS C 90 5.56 -10.20 -1.08
C HIS C 90 6.15 -9.51 -2.30
N HIS C 91 6.51 -10.31 -3.31
CA HIS C 91 6.90 -9.81 -4.62
C HIS C 91 6.11 -10.58 -5.68
N TYR C 92 4.80 -10.68 -5.46
CA TYR C 92 3.90 -11.36 -6.38
C TYR C 92 3.36 -10.43 -7.45
N GLY C 93 3.97 -9.27 -7.62
CA GLY C 93 3.53 -8.31 -8.61
C GLY C 93 3.15 -6.98 -7.97
N THR C 94 2.95 -6.00 -8.83
CA THR C 94 2.60 -4.67 -8.36
C THR C 94 1.26 -4.70 -7.63
N PRO C 95 1.13 -4.04 -6.48
CA PRO C 95 2.25 -3.36 -5.83
C PRO C 95 2.84 -4.17 -4.67
N PRO C 96 4.17 -4.27 -4.60
CA PRO C 96 4.81 -4.90 -3.45
C PRO C 96 4.48 -4.14 -2.17
N THR C 97 4.26 -4.88 -1.09
CA THR C 97 3.90 -4.30 0.20
C THR C 97 4.88 -4.82 1.25
N PHE C 98 5.40 -3.91 2.06
CA PHE C 98 6.24 -4.30 3.17
C PHE C 98 5.40 -4.58 4.41
N GLY C 99 5.96 -5.36 5.33
CA GLY C 99 5.28 -5.67 6.55
C GLY C 99 5.26 -4.50 7.52
N GLY C 100 4.52 -4.69 8.62
CA GLY C 100 4.46 -3.65 9.63
C GLY C 100 5.80 -3.43 10.32
N GLY C 101 6.56 -4.49 10.50
CA GLY C 101 7.85 -4.41 11.15
C GLY C 101 7.87 -5.22 12.43
N THR C 102 8.85 -6.11 12.54
CA THR C 102 9.04 -6.94 13.72
C THR C 102 10.34 -6.53 14.40
N LYS C 103 10.25 -6.15 15.67
CA LYS C 103 11.42 -5.77 16.42
C LYS C 103 12.06 -6.98 17.07
N LEU C 104 13.37 -7.12 16.89
CA LEU C 104 14.14 -8.19 17.50
C LEU C 104 15.18 -7.59 18.43
N GLU C 105 15.19 -8.05 19.68
CA GLU C 105 16.13 -7.59 20.69
C GLU C 105 16.96 -8.77 21.17
N ILE C 106 18.27 -8.61 21.17
CA ILE C 106 19.18 -9.65 21.63
C ILE C 106 19.25 -9.59 23.15
N LYS C 107 18.73 -10.63 23.80
CA LYS C 107 18.73 -10.67 25.25
C LYS C 107 20.12 -11.03 25.77
N ARG C 108 20.46 -10.50 26.94
CA ARG C 108 21.75 -10.77 27.55
C ARG C 108 21.61 -10.64 29.07
N THR C 109 22.72 -10.82 29.76
CA THR C 109 22.72 -10.73 31.21
C THR C 109 22.41 -9.31 31.64
N VAL C 110 21.73 -9.17 32.79
CA VAL C 110 21.36 -7.86 33.30
C VAL C 110 22.63 -7.10 33.67
N ALA C 111 22.72 -5.86 33.20
CA ALA C 111 23.90 -5.04 33.44
C ALA C 111 23.48 -3.70 34.01
N ALA C 112 24.09 -3.32 35.13
CA ALA C 112 23.76 -2.06 35.77
C ALA C 112 24.33 -0.89 34.97
N PRO C 113 23.61 0.22 34.89
CA PRO C 113 24.12 1.37 34.13
C PRO C 113 25.22 2.09 34.88
N SER C 114 26.22 2.55 34.14
CA SER C 114 27.20 3.47 34.70
C SER C 114 26.66 4.88 34.56
N VAL C 115 26.31 5.49 35.69
CA VAL C 115 25.58 6.75 35.72
C VAL C 115 26.59 7.88 35.84
N PHE C 116 26.35 8.97 35.12
CA PHE C 116 27.19 10.16 35.18
C PHE C 116 26.32 11.39 35.08
N ILE C 117 26.61 12.39 35.91
CA ILE C 117 25.95 13.69 35.86
C ILE C 117 26.83 14.64 35.05
N PHE C 118 26.20 15.50 34.26
CA PHE C 118 26.95 16.44 33.46
C PHE C 118 26.47 17.86 33.74
N PRO C 119 27.19 18.65 34.52
CA PRO C 119 26.80 20.04 34.71
C PRO C 119 26.81 20.78 33.39
N PRO C 120 25.86 21.69 33.18
CA PRO C 120 25.84 22.44 31.91
C PRO C 120 27.08 23.31 31.77
N SER C 121 27.53 23.45 30.53
CA SER C 121 28.68 24.30 30.26
C SER C 121 28.37 25.76 30.56
N ASP C 122 29.38 26.47 31.06
CA ASP C 122 29.22 27.89 31.33
C ASP C 122 28.90 28.67 30.05
N GLU C 123 29.29 28.11 28.90
CA GLU C 123 28.98 28.74 27.63
C GLU C 123 27.47 28.80 27.40
N GLN C 124 26.76 27.72 27.70
CA GLN C 124 25.31 27.73 27.53
C GLN C 124 24.65 28.65 28.55
N LEU C 125 25.20 28.74 29.75
CA LEU C 125 24.70 29.71 30.72
C LEU C 125 24.88 31.13 30.19
N LYS C 126 26.01 31.40 29.54
CA LYS C 126 26.18 32.67 28.84
C LYS C 126 25.13 32.84 27.76
N SER C 127 24.75 31.75 27.08
CA SER C 127 23.74 31.81 26.04
C SER C 127 22.38 32.18 26.60
N GLY C 128 22.18 32.02 27.91
CA GLY C 128 20.93 32.36 28.55
C GLY C 128 19.99 31.21 28.82
N THR C 129 20.27 30.03 28.28
CA THR C 129 19.44 28.84 28.49
C THR C 129 20.27 27.79 29.21
N ALA C 130 19.62 26.94 29.99
CA ALA C 130 20.29 25.90 30.75
C ALA C 130 19.80 24.53 30.32
N SER C 131 20.73 23.64 29.99
CA SER C 131 20.42 22.24 29.70
C SER C 131 21.33 21.36 30.54
N VAL C 132 20.72 20.49 31.34
CA VAL C 132 21.45 19.58 32.21
C VAL C 132 21.10 18.16 31.81
N VAL C 133 22.12 17.33 31.65
CA VAL C 133 21.95 15.96 31.17
C VAL C 133 22.71 15.02 32.08
N CYS C 134 22.15 13.85 32.35
CA CYS C 134 22.86 12.77 33.01
C CYS C 134 22.72 11.51 32.16
N LEU C 135 23.71 10.63 32.25
CA LEU C 135 23.97 9.62 31.24
C LEU C 135 23.81 8.23 31.82
N LEU C 136 23.23 7.33 31.02
CA LEU C 136 23.22 5.90 31.31
C LEU C 136 24.06 5.20 30.25
N ASN C 137 25.04 4.41 30.70
CA ASN C 137 26.03 3.82 29.81
C ASN C 137 26.00 2.30 29.92
N ASN C 138 25.77 1.65 28.79
CA ASN C 138 25.92 0.20 28.66
C ASN C 138 25.12 -0.56 29.70
N PHE C 139 23.80 -0.40 29.64
CA PHE C 139 22.90 -1.04 30.60
C PHE C 139 21.90 -1.93 29.87
N TYR C 140 21.63 -3.09 30.45
CA TYR C 140 20.56 -3.98 30.01
C TYR C 140 19.79 -4.42 31.24
N PRO C 141 18.45 -4.54 31.15
CA PRO C 141 17.60 -4.42 29.97
C PRO C 141 17.35 -2.99 29.51
N ARG C 142 16.59 -2.88 28.41
CA ARG C 142 16.30 -1.58 27.82
C ARG C 142 15.52 -0.69 28.77
N GLU C 143 14.57 -1.27 29.50
CA GLU C 143 13.72 -0.48 30.38
C GLU C 143 14.55 0.20 31.46
N ALA C 144 14.33 1.50 31.64
CA ALA C 144 15.00 2.28 32.66
C ALA C 144 14.25 3.57 32.87
N LYS C 145 14.22 4.03 34.11
CA LYS C 145 13.51 5.24 34.48
C LYS C 145 14.47 6.18 35.19
N VAL C 146 14.48 7.45 34.77
CA VAL C 146 15.29 8.48 35.38
C VAL C 146 14.35 9.53 35.96
N GLN C 147 14.62 9.95 37.19
CA GLN C 147 13.83 10.97 37.87
C GLN C 147 14.69 12.19 38.10
N TRP C 148 14.25 13.34 37.58
CA TRP C 148 14.95 14.59 37.73
C TRP C 148 14.42 15.31 38.97
N LYS C 149 15.26 15.47 39.98
CA LYS C 149 14.90 16.17 41.20
C LYS C 149 15.64 17.50 41.24
N VAL C 150 14.88 18.59 41.31
CA VAL C 150 15.43 19.94 41.36
C VAL C 150 15.27 20.45 42.77
N ASP C 151 16.41 20.70 43.44
CA ASP C 151 16.43 21.08 44.85
C ASP C 151 15.66 20.07 45.70
N ASN C 152 15.93 18.78 45.44
CA ASN C 152 15.26 17.67 46.14
C ASN C 152 13.76 17.67 45.90
N ALA C 153 13.33 18.18 44.75
CA ALA C 153 11.91 18.21 44.39
C ALA C 153 11.76 17.64 42.98
N LEU C 154 10.83 16.71 42.82
CA LEU C 154 10.62 16.05 41.54
C LEU C 154 10.08 17.04 40.52
N GLN C 155 10.47 16.85 39.26
CA GLN C 155 9.98 17.67 38.15
C GLN C 155 9.78 16.80 36.93
N SER C 156 8.96 17.29 36.00
CA SER C 156 8.70 16.58 34.76
C SER C 156 8.32 17.61 33.69
N GLY C 157 8.43 17.19 32.43
CA GLY C 157 8.13 18.04 31.30
C GLY C 157 9.28 18.89 30.82
N ASN C 158 10.35 19.02 31.61
CA ASN C 158 11.53 19.77 31.22
C ASN C 158 12.67 18.87 30.78
N SER C 159 12.45 17.56 30.75
CA SER C 159 13.49 16.59 30.41
C SER C 159 13.06 15.78 29.21
N GLN C 160 13.98 15.56 28.28
CA GLN C 160 13.75 14.75 27.09
C GLN C 160 14.63 13.51 27.16
N GLU C 161 14.05 12.36 26.85
CA GLU C 161 14.73 11.07 26.95
C GLU C 161 14.99 10.51 25.57
N SER C 162 16.24 10.12 25.32
CA SER C 162 16.64 9.49 24.07
C SER C 162 17.46 8.25 24.38
N VAL C 163 17.26 7.18 23.61
CA VAL C 163 17.93 5.92 23.81
C VAL C 163 18.56 5.48 22.50
N THR C 164 19.83 5.11 22.54
CA THR C 164 20.49 4.61 21.35
C THR C 164 20.09 3.16 21.06
N GLU C 165 20.43 2.71 19.87
CA GLU C 165 20.15 1.34 19.46
C GLU C 165 21.02 0.38 20.27
N GLN C 166 20.53 -0.85 20.41
CA GLN C 166 21.28 -1.88 21.11
C GLN C 166 22.66 -2.05 20.47
N ASP C 167 23.68 -2.15 21.32
CA ASP C 167 25.05 -2.20 20.83
C ASP C 167 25.28 -3.46 20.00
N SER C 168 26.11 -3.32 18.96
CA SER C 168 26.40 -4.46 18.09
C SER C 168 27.10 -5.57 18.87
N LYS C 169 28.05 -5.22 19.72
CA LYS C 169 28.83 -6.19 20.48
C LYS C 169 28.49 -6.18 21.97
N ASP C 170 28.46 -4.99 22.58
CA ASP C 170 28.20 -4.90 24.02
C ASP C 170 26.80 -5.37 24.36
N SER C 171 25.88 -5.31 23.39
CA SER C 171 24.51 -5.78 23.57
C SER C 171 23.78 -5.02 24.68
N THR C 172 24.21 -3.78 24.94
CA THR C 172 23.66 -2.97 26.02
C THR C 172 23.27 -1.61 25.48
N TYR C 173 22.12 -1.12 25.93
CA TYR C 173 21.64 0.19 25.50
C TYR C 173 22.33 1.30 26.28
N SER C 174 22.14 2.52 25.81
CA SER C 174 22.57 3.72 26.50
C SER C 174 21.40 4.70 26.51
N LEU C 175 21.25 5.43 27.61
CA LEU C 175 20.14 6.36 27.77
C LEU C 175 20.68 7.74 28.16
N SER C 176 20.10 8.77 27.56
CA SER C 176 20.43 10.16 27.88
C SER C 176 19.15 10.92 28.19
N SER C 177 19.15 11.65 29.29
CA SER C 177 18.03 12.50 29.69
C SER C 177 18.54 13.91 29.91
N THR C 178 18.02 14.85 29.12
CA THR C 178 18.47 16.23 29.15
C THR C 178 17.37 17.11 29.76
N LEU C 179 17.65 17.68 30.93
CA LEU C 179 16.73 18.61 31.56
C LEU C 179 16.92 19.99 30.95
N THR C 180 15.83 20.63 30.54
CA THR C 180 15.87 21.94 29.92
C THR C 180 15.30 22.97 30.89
N LEU C 181 16.04 24.06 31.08
CA LEU C 181 15.64 25.10 32.03
C LEU C 181 16.18 26.44 31.56
N SER C 182 15.56 27.50 32.07
CA SER C 182 16.11 28.84 31.86
C SER C 182 17.29 29.06 32.80
N LYS C 183 18.15 30.01 32.42
CA LYS C 183 19.29 30.34 33.26
C LYS C 183 18.84 30.85 34.63
N ALA C 184 17.71 31.56 34.66
CA ALA C 184 17.17 32.02 35.93
C ALA C 184 16.81 30.85 36.83
N ASP C 185 16.17 29.82 36.27
CA ASP C 185 15.86 28.64 37.06
C ASP C 185 17.12 27.96 37.57
N TYR C 186 18.18 27.96 36.76
CA TYR C 186 19.47 27.46 37.21
C TYR C 186 19.98 28.25 38.41
N GLU C 187 19.90 29.58 38.35
CA GLU C 187 20.39 30.38 39.46
C GLU C 187 19.55 30.21 40.71
N LYS C 188 18.25 29.93 40.53
CA LYS C 188 17.36 29.80 41.69
C LYS C 188 17.73 28.60 42.54
N HIS C 189 18.06 27.48 41.91
CA HIS C 189 18.28 26.22 42.61
C HIS C 189 19.77 25.94 42.73
N LYS C 190 20.23 25.72 43.97
CA LYS C 190 21.63 25.43 44.20
C LYS C 190 21.99 24.01 43.81
N VAL C 191 21.10 23.05 44.12
CA VAL C 191 21.40 21.63 43.99
C VAL C 191 20.58 21.05 42.85
N TYR C 192 21.25 20.29 41.98
CA TYR C 192 20.60 19.59 40.89
C TYR C 192 21.03 18.13 40.90
N ALA C 193 20.10 17.23 40.62
CA ALA C 193 20.40 15.81 40.58
C ALA C 193 19.33 15.08 39.79
N CYS C 194 19.70 13.93 39.22
CA CYS C 194 18.76 13.02 38.59
C CYS C 194 18.86 11.67 39.29
N GLU C 195 17.72 11.06 39.58
CA GLU C 195 17.66 9.77 40.21
C GLU C 195 17.39 8.70 39.15
N VAL C 196 18.25 7.70 39.10
CA VAL C 196 18.19 6.65 38.09
C VAL C 196 17.65 5.39 38.73
N THR C 197 16.55 4.88 38.18
CA THR C 197 15.96 3.62 38.61
C THR C 197 16.08 2.61 37.48
N HIS C 198 16.69 1.47 37.77
CA HIS C 198 16.92 0.44 36.77
C HIS C 198 16.76 -0.93 37.42
N GLN C 199 16.35 -1.91 36.59
CA GLN C 199 16.23 -3.27 37.08
C GLN C 199 17.57 -3.82 37.55
N GLY C 200 18.65 -3.52 36.80
CA GLY C 200 19.96 -3.97 37.21
C GLY C 200 20.40 -3.37 38.54
N LEU C 201 20.03 -2.11 38.78
CA LEU C 201 20.36 -1.47 40.04
C LEU C 201 19.64 -2.16 41.20
N SER C 202 20.40 -2.53 42.24
CA SER C 202 19.78 -3.08 43.44
C SER C 202 18.91 -2.03 44.12
N SER C 203 19.38 -0.80 44.17
CA SER C 203 18.64 0.32 44.75
C SER C 203 18.76 1.50 43.81
N PRO C 204 17.80 2.42 43.83
CA PRO C 204 17.92 3.63 43.02
C PRO C 204 19.18 4.41 43.38
N VAL C 205 19.88 4.88 42.35
CA VAL C 205 21.12 5.63 42.50
C VAL C 205 20.90 7.03 41.97
N THR C 206 21.48 8.02 42.64
CA THR C 206 21.35 9.42 42.27
C THR C 206 22.72 10.04 42.17
N LYS C 207 22.92 10.86 41.14
CA LYS C 207 24.14 11.64 40.97
C LYS C 207 23.77 13.11 41.08
N SER C 208 24.49 13.84 41.93
CA SER C 208 24.16 15.23 42.23
C SER C 208 25.39 16.10 42.08
N PHE C 209 25.14 17.38 41.80
CA PHE C 209 26.18 18.38 41.70
C PHE C 209 25.59 19.72 42.10
N ASN C 210 26.46 20.64 42.50
CA ASN C 210 26.06 21.97 42.94
C ASN C 210 26.53 23.01 41.95
N ARG C 211 25.68 24.01 41.71
CA ARG C 211 26.01 25.08 40.79
C ARG C 211 27.26 25.82 41.25
N GLY C 212 28.12 26.16 40.29
CA GLY C 212 29.36 26.86 40.59
C GLY C 212 30.38 26.04 41.34
N GLU C 213 30.50 24.74 41.01
CA GLU C 213 31.51 23.87 41.60
C GLU C 213 31.43 23.86 43.13
N CYS C 214 30.22 23.87 43.66
CA CYS C 214 30.02 23.88 45.11
C CYS C 214 29.77 22.48 45.64
#